data_7C4M
#
_entry.id   7C4M
#
_cell.length_a   132.499
_cell.length_b   132.499
_cell.length_c   191.732
_cell.angle_alpha   90.000
_cell.angle_beta   90.000
_cell.angle_gamma   90.000
#
_symmetry.space_group_name_H-M   'I 4 2 2'
#
loop_
_entity.id
_entity.type
_entity.pdbx_description
1 polymer 'Ancestral L-amino acid oxidase'
2 non-polymer 'FLAVIN-ADENINE DINUCLEOTIDE'
3 non-polymer TRYPTOPHAN
4 water water
#
_entity_poly.entity_id   1
_entity_poly.type   'polypeptide(L)'
_entity_poly.pdbx_seq_one_letter_code
;MGTHYKLGSDISQKSIPKEVKVAIVGAGMSGLYSAWRLQSEANVGDLAIFERSDRTGGRLDSDLIEFKDNRAGAEPGSTI
TVKEEQGGMRFLFEGMDDLMALFLKLGLEDQIVPFPMNSGGNNRLYFRGTSFSVNDAEQDDYHIWSALYNLDPSEQGVNP
KDIINVVFNRILQVNPQFDSRPEVRGPEFWQNFRLQCQWQGEPLYNWSLWDLLTDMGYSQECITMLYRVLGFNGTFLSKM
NAGVAYQLLEDFPADVEFRTFKDGFSTLPNALVDKIGKDKIHLQTSIDSIAFDKADSKYVLKYTKIDQSGQVSEGKFKAE
KVILGLPRLALEKLFIASDAFKQLPKKRRDELWDTLQSTSNQPLLKINLYYDTAWWGTGMTGRPAVSFGPNFADLPTGSV
YPFYALNDELAAALMYDERHATPNPDTQHKLDGIDAAKYARPAALTIYCDYLNINFWSALQNKGELYHHPHESELVESIP
SDIFPASEAVVQQATQFFKDIFNTHYVPQPTLTSARIWEGNVNFNVPENLQFGFGVHQWAIGANDKEVIEDLVEPLPNLF
TCGEAYSDYQGWVEGALRSTDLVLQKGFGLAPLSEVYEQDQGRSSSEAIQIAYRKISNKMIMEYIDPNFSPNTKHKVTLA
EVNSVLGVNLSYFDKPEHHHHHH
;
_entity_poly.pdbx_strand_id   A
#
loop_
_chem_comp.id
_chem_comp.type
_chem_comp.name
_chem_comp.formula
FAD non-polymer 'FLAVIN-ADENINE DINUCLEOTIDE' 'C27 H33 N9 O15 P2'
#
# COMPACT_ATOMS: atom_id res chain seq x y z
N SER A 15 16.21 25.30 -12.92
CA SER A 15 15.96 25.53 -14.34
C SER A 15 14.81 24.66 -14.89
N ILE A 16 13.71 25.28 -15.28
CA ILE A 16 12.53 24.62 -15.83
C ILE A 16 12.49 24.87 -17.33
N PRO A 17 12.47 23.85 -18.17
CA PRO A 17 12.35 24.08 -19.62
C PRO A 17 11.09 24.87 -19.94
N LYS A 18 11.11 25.53 -21.11
CA LYS A 18 9.96 26.32 -21.55
C LYS A 18 9.10 25.58 -22.56
N GLU A 19 9.57 24.44 -23.06
CA GLU A 19 8.76 23.55 -23.88
C GLU A 19 9.35 22.16 -23.78
N VAL A 20 8.47 21.14 -23.73
CA VAL A 20 8.89 19.74 -23.66
C VAL A 20 7.98 18.92 -24.56
N LYS A 21 8.48 17.77 -25.01
CA LYS A 21 7.66 16.85 -25.79
C LYS A 21 6.52 16.28 -24.93
N VAL A 22 6.86 15.77 -23.75
CA VAL A 22 5.91 15.19 -22.81
C VAL A 22 6.15 15.81 -21.44
N ALA A 23 5.10 16.34 -20.82
CA ALA A 23 5.17 16.84 -19.45
C ALA A 23 4.43 15.89 -18.53
N ILE A 24 5.11 15.49 -17.46
CA ILE A 24 4.63 14.46 -16.55
C ILE A 24 4.36 15.11 -15.20
N VAL A 25 3.11 15.12 -14.80
CA VAL A 25 2.68 15.71 -13.53
C VAL A 25 2.54 14.58 -12.53
N GLY A 26 3.42 14.58 -11.53
CA GLY A 26 3.40 13.58 -10.47
C GLY A 26 4.61 12.67 -10.52
N ALA A 27 5.51 12.78 -9.53
CA ALA A 27 6.63 11.85 -9.43
C ALA A 27 6.32 10.64 -8.53
N GLY A 28 5.06 10.22 -8.48
CA GLY A 28 4.72 8.94 -7.91
C GLY A 28 5.09 7.85 -8.89
N MET A 29 4.62 6.64 -8.57
CA MET A 29 5.02 5.47 -9.34
C MET A 29 4.61 5.59 -10.81
N SER A 30 3.37 6.02 -11.08
CA SER A 30 2.95 6.09 -12.47
C SER A 30 3.70 7.19 -13.22
N GLY A 31 3.99 8.30 -12.56
CA GLY A 31 4.79 9.33 -13.20
C GLY A 31 6.19 8.84 -13.55
N LEU A 32 6.90 8.31 -12.55
CA LEU A 32 8.24 7.78 -12.77
C LEU A 32 8.27 6.63 -13.78
N TYR A 33 7.21 5.81 -13.80
CA TYR A 33 7.15 4.66 -14.70
C TYR A 33 6.91 5.09 -16.15
N SER A 34 6.11 6.14 -16.37
CA SER A 34 5.93 6.64 -17.73
C SER A 34 7.25 7.08 -18.33
N ALA A 35 8.03 7.86 -17.56
CA ALA A 35 9.26 8.44 -18.11
C ALA A 35 10.25 7.36 -18.46
N TRP A 36 10.48 6.43 -17.54
CA TRP A 36 11.40 5.33 -17.80
C TRP A 36 11.02 4.56 -19.06
N ARG A 37 9.74 4.24 -19.24
CA ARG A 37 9.32 3.48 -20.41
C ARG A 37 9.36 4.32 -21.68
N LEU A 38 9.05 5.62 -21.59
CA LEU A 38 9.14 6.48 -22.76
C LEU A 38 10.60 6.72 -23.16
N GLN A 39 11.46 6.98 -22.18
CA GLN A 39 12.88 7.16 -22.48
C GLN A 39 13.47 5.93 -23.17
N SER A 40 13.22 4.75 -22.59
CA SER A 40 13.90 3.53 -22.98
C SER A 40 13.23 2.80 -24.14
N GLU A 41 11.91 2.90 -24.25
CA GLU A 41 11.21 2.13 -25.24
C GLU A 41 10.60 2.96 -26.36
N ALA A 42 10.38 4.25 -26.14
CA ALA A 42 9.84 5.12 -27.17
C ALA A 42 10.81 6.22 -27.60
N ASN A 43 12.06 6.20 -27.11
CA ASN A 43 13.12 7.11 -27.53
C ASN A 43 12.79 8.57 -27.27
N VAL A 44 11.86 8.84 -26.36
CA VAL A 44 11.47 10.20 -26.02
C VAL A 44 12.36 10.67 -24.86
N GLY A 45 13.16 11.71 -25.11
CA GLY A 45 14.12 12.17 -24.14
C GLY A 45 13.76 13.54 -23.62
N ASP A 46 12.90 14.24 -24.36
CA ASP A 46 12.48 15.59 -23.99
C ASP A 46 11.15 15.55 -23.25
N LEU A 47 11.21 14.90 -22.10
CA LEU A 47 10.15 14.88 -21.11
C LEU A 47 10.68 15.45 -19.81
N ALA A 48 9.75 15.83 -18.94
CA ALA A 48 10.12 16.32 -17.63
C ALA A 48 9.01 15.93 -16.66
N ILE A 49 9.38 15.61 -15.43
CA ILE A 49 8.43 15.26 -14.37
C ILE A 49 8.31 16.44 -13.42
N PHE A 50 7.08 16.79 -13.04
CA PHE A 50 6.82 17.89 -12.12
C PHE A 50 6.08 17.38 -10.89
N GLU A 51 6.69 17.54 -9.72
CA GLU A 51 6.23 16.95 -8.46
C GLU A 51 6.12 18.02 -7.40
N ARG A 52 4.91 18.18 -6.83
CA ARG A 52 4.64 19.28 -5.90
C ARG A 52 5.39 19.16 -4.59
N SER A 53 5.68 17.94 -4.15
CA SER A 53 6.32 17.73 -2.86
C SER A 53 7.84 17.80 -3.04
N ASP A 54 8.57 17.65 -1.92
CA ASP A 54 10.03 17.67 -1.96
C ASP A 54 10.62 16.27 -1.96
N ARG A 55 9.93 15.32 -2.59
CA ARG A 55 10.39 13.95 -2.67
C ARG A 55 9.66 13.27 -3.82
N THR A 56 10.30 12.22 -4.34
CA THR A 56 9.71 11.35 -5.34
C THR A 56 9.08 10.15 -4.65
N GLY A 57 8.09 9.54 -5.33
CA GLY A 57 7.60 8.22 -4.97
C GLY A 57 6.16 8.17 -4.52
N GLY A 58 5.56 9.31 -4.19
CA GLY A 58 4.16 9.32 -3.81
C GLY A 58 3.90 8.38 -2.65
N ARG A 59 2.87 7.56 -2.79
CA ARG A 59 2.38 6.73 -1.69
C ARG A 59 3.30 5.55 -1.37
N LEU A 60 4.41 5.38 -2.10
CA LEU A 60 5.54 4.59 -1.63
C LEU A 60 6.49 5.50 -0.85
N ASP A 61 6.84 5.12 0.37
CA ASP A 61 7.68 5.97 1.20
C ASP A 61 8.31 5.11 2.31
N SER A 62 9.44 4.48 2.01
CA SER A 62 10.18 3.70 2.99
C SER A 62 11.10 4.57 3.84
N ASP A 63 11.41 4.10 5.05
CA ASP A 63 12.36 4.76 5.93
C ASP A 63 13.49 3.80 6.29
N LEU A 64 14.70 4.34 6.33
CA LEU A 64 15.89 3.62 6.77
C LEU A 64 16.49 4.40 7.94
N ILE A 65 16.29 3.91 9.16
CA ILE A 65 16.82 4.56 10.34
C ILE A 65 18.04 3.79 10.81
N GLU A 66 19.09 4.54 11.14
CA GLU A 66 20.38 3.99 11.52
C GLU A 66 20.59 4.31 13.01
N PHE A 67 20.16 3.41 13.87
CA PHE A 67 20.20 3.62 15.30
C PHE A 67 21.60 3.37 15.85
N LYS A 68 22.06 4.28 16.70
CA LYS A 68 23.27 4.04 17.48
C LYS A 68 23.19 2.66 18.15
N ASP A 69 24.12 1.79 17.79
CA ASP A 69 24.14 0.45 18.39
C ASP A 69 24.66 0.59 19.82
N ASN A 70 23.77 0.80 20.78
CA ASN A 70 24.19 0.95 22.17
C ASN A 70 24.04 -0.33 22.96
N ARG A 71 24.31 -1.48 22.33
CA ARG A 71 24.42 -2.72 23.08
C ARG A 71 25.72 -2.73 23.90
N ALA A 72 25.81 -3.71 24.81
CA ALA A 72 26.92 -3.76 25.77
C ALA A 72 28.27 -3.91 25.05
N GLY A 73 28.46 -5.01 24.33
CA GLY A 73 29.68 -5.19 23.56
C GLY A 73 29.62 -4.61 22.16
N ALA A 74 29.28 -3.32 22.05
CA ALA A 74 29.09 -2.67 20.75
C ALA A 74 30.40 -2.45 20.00
N GLY A 77 31.36 3.29 17.49
CA GLY A 77 30.29 3.94 16.74
C GLY A 77 29.51 3.03 15.80
N SER A 78 29.05 1.89 16.32
CA SER A 78 28.37 0.90 15.49
C SER A 78 26.92 1.31 15.21
N THR A 79 26.40 0.85 14.07
CA THR A 79 25.08 1.25 13.58
C THR A 79 24.21 0.03 13.32
N ILE A 80 22.90 0.20 13.55
CA ILE A 80 21.88 -0.83 13.30
C ILE A 80 20.75 -0.20 12.47
N THR A 81 20.40 -0.83 11.36
CA THR A 81 19.40 -0.28 10.45
C THR A 81 18.05 -0.95 10.68
N VAL A 82 17.01 -0.13 10.84
CA VAL A 82 15.63 -0.59 10.80
C VAL A 82 14.93 0.01 9.58
N LYS A 83 14.36 -0.85 8.73
CA LYS A 83 13.46 -0.44 7.65
C LYS A 83 12.03 -0.36 8.15
N GLU A 84 11.34 0.68 7.73
CA GLU A 84 9.93 0.83 8.05
C GLU A 84 9.23 1.39 6.82
N GLU A 85 7.90 1.42 6.85
CA GLU A 85 7.12 1.90 5.73
C GLU A 85 6.14 2.95 6.24
N GLN A 86 6.11 4.09 5.57
CA GLN A 86 5.03 5.05 5.76
C GLN A 86 3.94 4.90 4.71
N GLY A 87 4.23 4.21 3.60
CA GLY A 87 3.19 3.87 2.64
C GLY A 87 3.17 2.38 2.37
N GLY A 88 3.11 2.04 1.09
CA GLY A 88 3.16 0.68 0.60
C GLY A 88 4.26 -0.20 1.14
N MET A 89 3.97 -1.50 1.31
CA MET A 89 4.92 -2.40 1.97
C MET A 89 5.13 -3.77 1.34
N ARG A 90 4.16 -4.31 0.58
CA ARG A 90 4.21 -5.71 0.20
C ARG A 90 3.68 -5.93 -1.21
N PHE A 91 4.07 -7.08 -1.80
CA PHE A 91 3.65 -7.42 -3.16
C PHE A 91 3.67 -8.94 -3.34
N LEU A 92 3.21 -9.40 -4.50
CA LEU A 92 3.09 -10.83 -4.74
C LEU A 92 3.66 -11.21 -6.10
N PHE A 93 4.16 -12.46 -6.18
CA PHE A 93 4.77 -12.95 -7.41
C PHE A 93 3.73 -13.30 -8.46
N GLU A 94 2.51 -13.66 -8.05
CA GLU A 94 1.41 -13.92 -8.96
C GLU A 94 0.46 -12.73 -8.97
N GLY A 95 -0.17 -12.49 -10.14
CA GLY A 95 -1.15 -11.42 -10.28
C GLY A 95 -0.58 -10.02 -10.42
N MET A 96 0.73 -9.83 -10.31
CA MET A 96 1.35 -8.53 -10.53
C MET A 96 2.42 -8.61 -11.61
N ASP A 97 2.03 -9.08 -12.81
CA ASP A 97 3.02 -9.34 -13.85
C ASP A 97 3.74 -8.07 -14.29
N ASP A 98 3.08 -6.91 -14.25
CA ASP A 98 3.78 -5.68 -14.65
C ASP A 98 4.84 -5.32 -13.64
N LEU A 99 4.53 -5.50 -12.35
CA LEU A 99 5.45 -5.16 -11.29
C LEU A 99 6.65 -6.10 -11.28
N MET A 100 6.39 -7.40 -11.44
CA MET A 100 7.48 -8.37 -11.53
C MET A 100 8.38 -8.04 -12.70
N ALA A 101 7.80 -7.84 -13.88
CA ALA A 101 8.59 -7.46 -15.05
C ALA A 101 9.42 -6.23 -14.76
N LEU A 102 8.80 -5.23 -14.12
CA LEU A 102 9.52 -4.01 -13.76
C LEU A 102 10.67 -4.30 -12.81
N PHE A 103 10.47 -5.25 -11.88
CA PHE A 103 11.55 -5.61 -10.97
C PHE A 103 12.68 -6.29 -11.73
N LEU A 104 12.35 -7.22 -12.61
CA LEU A 104 13.38 -7.95 -13.34
C LEU A 104 14.16 -7.02 -14.25
N LYS A 105 13.47 -6.12 -14.96
CA LYS A 105 14.15 -5.20 -15.86
C LYS A 105 15.07 -4.25 -15.12
N LEU A 106 14.73 -3.87 -13.89
CA LEU A 106 15.64 -3.05 -13.08
C LEU A 106 16.59 -3.86 -12.22
N GLY A 107 16.68 -5.17 -12.41
CA GLY A 107 17.60 -5.97 -11.62
C GLY A 107 17.42 -5.90 -10.11
N LEU A 108 16.20 -5.64 -9.64
CA LEU A 108 15.97 -5.48 -8.21
C LEU A 108 15.57 -6.77 -7.52
N GLU A 109 15.58 -7.90 -8.22
CA GLU A 109 15.13 -9.16 -7.67
C GLU A 109 16.08 -9.72 -6.62
N ASP A 110 17.35 -9.33 -6.63
CA ASP A 110 18.28 -9.83 -5.61
C ASP A 110 18.01 -9.22 -4.24
N GLN A 111 17.22 -8.15 -4.17
CA GLN A 111 16.88 -7.50 -2.91
C GLN A 111 15.54 -7.96 -2.34
N ILE A 112 14.87 -8.91 -2.98
CA ILE A 112 13.54 -9.35 -2.56
C ILE A 112 13.65 -10.23 -1.33
N VAL A 113 12.79 -9.96 -0.36
CA VAL A 113 12.88 -10.57 0.97
C VAL A 113 11.49 -10.91 1.45
N PRO A 114 11.36 -11.98 2.26
CA PRO A 114 10.02 -12.37 2.72
C PRO A 114 9.33 -11.24 3.48
N PHE A 115 8.00 -11.23 3.38
CA PHE A 115 7.15 -10.39 4.22
C PHE A 115 6.14 -11.32 4.88
N PRO A 116 6.47 -11.87 6.04
CA PRO A 116 5.60 -12.90 6.65
C PRO A 116 4.40 -12.26 7.33
N MET A 117 3.36 -13.06 7.42
CA MET A 117 2.03 -12.60 7.79
C MET A 117 1.45 -13.30 9.01
N ASN A 118 2.20 -14.18 9.68
CA ASN A 118 1.66 -14.83 10.85
C ASN A 118 2.81 -15.19 11.79
N SER A 119 2.44 -15.61 13.00
CA SER A 119 3.36 -16.09 14.04
C SER A 119 2.90 -17.45 14.55
N GLY A 120 2.57 -18.35 13.61
CA GLY A 120 2.19 -19.70 14.00
C GLY A 120 1.04 -19.76 14.97
N GLY A 121 0.17 -18.75 14.97
CA GLY A 121 -0.96 -18.71 15.87
C GLY A 121 -0.84 -17.76 17.04
N ASN A 122 0.32 -17.11 17.23
CA ASN A 122 0.53 -16.24 18.39
C ASN A 122 0.20 -14.79 18.12
N ASN A 123 -0.26 -14.45 16.92
CA ASN A 123 -0.63 -13.07 16.69
C ASN A 123 -1.83 -12.72 17.56
N ARG A 124 -1.91 -11.45 17.91
CA ARG A 124 -2.86 -10.99 18.90
C ARG A 124 -4.21 -10.68 18.28
N LEU A 125 -5.24 -10.73 19.11
CA LEU A 125 -6.57 -10.28 18.76
C LEU A 125 -7.15 -9.58 19.98
N TYR A 126 -7.73 -8.40 19.76
CA TYR A 126 -8.42 -7.67 20.81
C TYR A 126 -9.80 -7.26 20.30
N PHE A 127 -10.84 -7.80 20.91
CA PHE A 127 -12.19 -7.46 20.51
C PHE A 127 -13.06 -7.38 21.74
N ARG A 128 -13.85 -6.30 21.81
CA ARG A 128 -14.80 -6.07 22.89
C ARG A 128 -14.17 -6.28 24.26
N GLY A 129 -13.05 -5.58 24.49
CA GLY A 129 -12.40 -5.56 25.78
C GLY A 129 -11.68 -6.83 26.17
N THR A 130 -11.35 -7.68 25.20
CA THR A 130 -10.77 -8.98 25.50
C THR A 130 -9.53 -9.20 24.62
N SER A 131 -8.39 -9.51 25.26
CA SER A 131 -7.13 -9.75 24.56
C SER A 131 -6.88 -11.24 24.46
N PHE A 132 -6.54 -11.71 23.29
CA PHE A 132 -6.27 -13.13 23.13
C PHE A 132 -5.49 -13.33 21.84
N SER A 133 -5.21 -14.59 21.53
CA SER A 133 -4.37 -14.93 20.39
C SER A 133 -5.17 -15.66 19.32
N VAL A 134 -4.55 -15.77 18.16
CA VAL A 134 -5.16 -16.50 17.05
C VAL A 134 -5.42 -17.95 17.44
N ASN A 135 -4.43 -18.61 18.05
CA ASN A 135 -4.64 -19.98 18.52
C ASN A 135 -5.81 -20.06 19.49
N ASP A 136 -5.91 -19.09 20.41
CA ASP A 136 -7.04 -19.05 21.33
C ASP A 136 -8.37 -18.99 20.58
N ALA A 137 -8.44 -18.19 19.52
CA ALA A 137 -9.71 -17.99 18.82
C ALA A 137 -10.24 -19.28 18.21
N GLU A 138 -9.33 -20.22 17.88
CA GLU A 138 -9.72 -21.49 17.27
C GLU A 138 -10.28 -22.48 18.27
N GLN A 139 -10.01 -22.30 19.56
CA GLN A 139 -10.35 -23.32 20.53
C GLN A 139 -11.85 -23.54 20.58
N ASP A 140 -12.24 -24.80 20.76
CA ASP A 140 -13.63 -25.15 21.07
C ASP A 140 -14.59 -24.61 20.00
N ASP A 141 -14.29 -24.94 18.75
CA ASP A 141 -15.12 -24.56 17.60
C ASP A 141 -15.31 -23.05 17.53
N TYR A 142 -14.20 -22.32 17.70
CA TYR A 142 -14.20 -20.88 17.55
C TYR A 142 -15.13 -20.24 18.56
N HIS A 143 -15.14 -20.79 19.77
CA HIS A 143 -16.13 -20.41 20.75
C HIS A 143 -16.03 -18.93 21.11
N ILE A 144 -14.81 -18.41 21.23
CA ILE A 144 -14.61 -17.05 21.72
C ILE A 144 -15.48 -16.07 20.95
N TRP A 145 -15.61 -16.26 19.64
CA TRP A 145 -16.39 -15.33 18.83
C TRP A 145 -17.86 -15.37 19.19
N SER A 146 -18.36 -16.53 19.60
CA SER A 146 -19.75 -16.67 20.02
C SER A 146 -19.97 -16.04 21.39
N ALA A 147 -18.91 -15.92 22.19
CA ALA A 147 -19.02 -15.32 23.51
C ALA A 147 -18.95 -13.80 23.42
N LEU A 148 -18.24 -13.27 22.43
CA LEU A 148 -18.07 -11.83 22.31
C LEU A 148 -19.14 -11.19 21.46
N TYR A 149 -19.72 -11.95 20.53
CA TYR A 149 -20.70 -11.42 19.60
C TYR A 149 -21.97 -12.26 19.68
N ASN A 150 -23.11 -11.56 19.62
CA ASN A 150 -24.42 -12.21 19.69
C ASN A 150 -24.81 -12.71 18.30
N LEU A 151 -24.23 -13.84 17.93
CA LEU A 151 -24.30 -14.38 16.57
C LEU A 151 -25.53 -15.25 16.37
N ASP A 152 -26.02 -15.25 15.13
CA ASP A 152 -27.02 -16.23 14.73
C ASP A 152 -26.42 -17.63 14.75
N PRO A 153 -27.23 -18.65 15.00
CA PRO A 153 -26.68 -20.02 15.02
C PRO A 153 -25.91 -20.39 13.75
N SER A 154 -26.40 -19.97 12.57
CA SER A 154 -25.65 -20.25 11.34
C SER A 154 -24.33 -19.52 11.28
N GLU A 155 -24.10 -18.59 12.21
CA GLU A 155 -22.89 -17.81 12.26
C GLU A 155 -21.93 -18.26 13.35
N GLN A 156 -22.28 -19.31 14.09
CA GLN A 156 -21.50 -19.78 15.22
C GLN A 156 -20.62 -20.97 14.84
N GLY A 157 -19.49 -21.09 15.52
CA GLY A 157 -18.67 -22.28 15.35
C GLY A 157 -17.84 -22.33 14.09
N VAL A 158 -17.69 -21.20 13.39
CA VAL A 158 -16.88 -21.10 12.17
C VAL A 158 -15.90 -19.94 12.35
N ASN A 159 -14.74 -20.03 11.70
CA ASN A 159 -13.78 -18.92 11.68
C ASN A 159 -14.37 -17.73 10.93
N PRO A 160 -14.43 -16.52 11.54
CA PRO A 160 -14.98 -15.33 10.87
C PRO A 160 -14.52 -15.12 9.44
N LYS A 161 -13.22 -15.26 9.20
CA LYS A 161 -12.69 -15.03 7.87
C LYS A 161 -13.27 -16.03 6.88
N ASP A 162 -13.67 -17.23 7.35
CA ASP A 162 -14.24 -18.21 6.42
C ASP A 162 -15.66 -17.85 6.04
N ILE A 163 -16.28 -16.89 6.75
CA ILE A 163 -17.60 -16.42 6.33
C ILE A 163 -17.48 -15.58 5.06
N ILE A 164 -16.44 -14.75 4.98
CA ILE A 164 -16.19 -14.04 3.73
C ILE A 164 -15.91 -15.03 2.61
N ASN A 165 -15.14 -16.09 2.90
CA ASN A 165 -14.81 -17.08 1.87
C ASN A 165 -16.04 -17.81 1.37
N VAL A 166 -16.93 -18.20 2.30
CA VAL A 166 -18.12 -18.93 1.91
C VAL A 166 -19.03 -18.05 1.07
N VAL A 167 -19.25 -16.81 1.50
CA VAL A 167 -20.13 -15.93 0.74
C VAL A 167 -19.58 -15.73 -0.66
N PHE A 168 -18.26 -15.66 -0.80
CA PHE A 168 -17.67 -15.57 -2.13
C PHE A 168 -17.99 -16.82 -2.95
N ASN A 169 -17.82 -18.01 -2.36
CA ASN A 169 -18.21 -19.25 -3.02
C ASN A 169 -19.68 -19.24 -3.42
N ARG A 170 -20.53 -18.65 -2.57
CA ARG A 170 -21.96 -18.59 -2.88
C ARG A 170 -22.22 -17.67 -4.05
N ILE A 171 -21.57 -16.51 -4.06
CA ILE A 171 -21.68 -15.60 -5.19
C ILE A 171 -21.23 -16.29 -6.48
N LEU A 172 -20.10 -17.00 -6.43
CA LEU A 172 -19.65 -17.75 -7.60
C LEU A 172 -20.62 -18.84 -7.99
N GLN A 173 -21.29 -19.47 -7.02
CA GLN A 173 -22.15 -20.60 -7.34
C GLN A 173 -23.38 -20.17 -8.16
N VAL A 174 -23.99 -19.03 -7.81
CA VAL A 174 -25.25 -18.65 -8.44
C VAL A 174 -24.99 -17.83 -9.69
N ASN A 175 -23.73 -17.69 -10.07
CA ASN A 175 -23.31 -16.99 -11.28
C ASN A 175 -22.54 -17.95 -12.18
N PRO A 176 -23.19 -18.99 -12.70
CA PRO A 176 -22.47 -19.94 -13.55
C PRO A 176 -22.13 -19.37 -14.92
N GLN A 177 -22.86 -18.36 -15.38
CA GLN A 177 -22.47 -17.62 -16.57
C GLN A 177 -21.06 -17.09 -16.46
N PHE A 178 -20.64 -16.70 -15.26
CA PHE A 178 -19.31 -16.15 -15.02
C PHE A 178 -18.33 -17.31 -14.86
N ASP A 179 -17.29 -17.34 -15.70
CA ASP A 179 -16.52 -18.56 -15.91
C ASP A 179 -16.00 -19.15 -14.59
N SER A 180 -15.22 -18.36 -13.84
CA SER A 180 -14.81 -18.73 -12.49
C SER A 180 -13.94 -20.00 -12.46
N ARG A 181 -12.71 -19.88 -12.99
CA ARG A 181 -11.83 -21.04 -13.09
C ARG A 181 -10.35 -20.74 -13.24
N PRO A 182 -9.92 -19.61 -13.86
CA PRO A 182 -8.47 -19.32 -13.93
C PRO A 182 -7.77 -19.41 -12.57
N GLU A 183 -6.80 -20.33 -12.44
CA GLU A 183 -6.16 -20.57 -11.15
C GLU A 183 -5.51 -19.30 -10.61
N VAL A 184 -4.85 -18.54 -11.48
CA VAL A 184 -4.32 -17.23 -11.08
C VAL A 184 -5.40 -16.20 -11.39
N ARG A 185 -5.91 -15.56 -10.33
CA ARG A 185 -7.06 -14.64 -10.43
C ARG A 185 -6.55 -13.21 -10.40
N GLY A 186 -6.48 -12.59 -11.57
CA GLY A 186 -5.93 -11.27 -11.70
C GLY A 186 -7.00 -10.20 -11.87
N PRO A 187 -6.57 -9.00 -12.26
CA PRO A 187 -7.53 -7.89 -12.38
C PRO A 187 -8.67 -8.15 -13.37
N GLU A 188 -8.47 -8.94 -14.41
CA GLU A 188 -9.60 -9.17 -15.32
C GLU A 188 -10.69 -9.94 -14.60
N PHE A 189 -10.31 -11.01 -13.90
CA PHE A 189 -11.27 -11.77 -13.12
C PHE A 189 -12.08 -10.85 -12.21
N TRP A 190 -11.39 -9.95 -11.49
CA TRP A 190 -12.06 -9.12 -10.49
C TRP A 190 -12.92 -8.05 -11.13
N GLN A 191 -12.51 -7.56 -12.30
CA GLN A 191 -13.39 -6.66 -13.04
C GLN A 191 -14.65 -7.38 -13.50
N ASN A 192 -14.50 -8.55 -14.12
CA ASN A 192 -15.66 -9.30 -14.59
C ASN A 192 -16.55 -9.72 -13.43
N PHE A 193 -15.93 -10.19 -12.34
CA PHE A 193 -16.67 -10.57 -11.14
C PHE A 193 -17.60 -9.44 -10.68
N ARG A 194 -17.03 -8.25 -10.44
CA ARG A 194 -17.87 -7.16 -9.95
C ARG A 194 -18.80 -6.60 -11.02
N LEU A 195 -18.45 -6.76 -12.31
CA LEU A 195 -19.31 -6.22 -13.34
C LEU A 195 -20.34 -7.22 -13.86
N GLN A 196 -20.04 -8.52 -13.83
CA GLN A 196 -20.94 -9.49 -14.43
C GLN A 196 -21.71 -10.34 -13.42
N CYS A 197 -21.20 -10.53 -12.20
CA CYS A 197 -21.92 -11.32 -11.21
C CYS A 197 -23.02 -10.50 -10.55
N GLN A 198 -24.14 -11.17 -10.27
CA GLN A 198 -25.27 -10.54 -9.63
C GLN A 198 -25.59 -11.25 -8.33
N TRP A 199 -26.29 -10.53 -7.45
CA TRP A 199 -27.00 -11.12 -6.33
C TRP A 199 -28.44 -10.61 -6.42
N GLN A 200 -29.39 -11.55 -6.48
CA GLN A 200 -30.81 -11.23 -6.58
C GLN A 200 -31.07 -10.18 -7.66
N GLY A 201 -30.57 -10.45 -8.86
CA GLY A 201 -30.83 -9.61 -10.01
C GLY A 201 -29.99 -8.36 -10.09
N GLU A 202 -29.36 -7.92 -9.00
CA GLU A 202 -28.55 -6.72 -9.06
C GLU A 202 -27.07 -7.08 -9.10
N PRO A 203 -26.32 -6.55 -10.08
CA PRO A 203 -24.89 -6.84 -10.16
C PRO A 203 -24.12 -6.21 -9.01
N LEU A 204 -23.02 -6.86 -8.67
CA LEU A 204 -22.33 -6.57 -7.41
C LEU A 204 -21.85 -5.13 -7.33
N TYR A 205 -21.52 -4.50 -8.47
CA TYR A 205 -21.07 -3.11 -8.38
C TYR A 205 -22.22 -2.13 -8.13
N ASN A 206 -23.48 -2.59 -8.16
CA ASN A 206 -24.59 -1.81 -7.64
C ASN A 206 -24.83 -2.06 -6.17
N TRP A 207 -24.11 -2.99 -5.56
CA TRP A 207 -24.31 -3.39 -4.18
C TRP A 207 -23.27 -2.75 -3.26
N SER A 208 -23.69 -2.43 -2.05
CA SER A 208 -22.72 -2.30 -0.98
C SER A 208 -22.61 -3.64 -0.27
N LEU A 209 -21.41 -3.96 0.20
CA LEU A 209 -21.16 -5.20 0.91
C LEU A 209 -22.01 -5.30 2.17
N TRP A 210 -22.04 -4.24 2.97
CA TRP A 210 -22.93 -4.13 4.12
C TRP A 210 -24.38 -4.49 3.75
N ASP A 211 -24.90 -3.91 2.68
CA ASP A 211 -26.24 -4.27 2.21
C ASP A 211 -26.29 -5.73 1.77
N LEU A 212 -25.21 -6.21 1.17
CA LEU A 212 -25.21 -7.53 0.58
C LEU A 212 -25.34 -8.59 1.67
N LEU A 213 -24.41 -8.59 2.63
CA LEU A 213 -24.48 -9.53 3.74
C LEU A 213 -25.81 -9.45 4.47
N THR A 214 -26.28 -8.23 4.77
CA THR A 214 -27.57 -8.06 5.41
C THR A 214 -28.67 -8.75 4.60
N ASP A 215 -28.70 -8.48 3.28
CA ASP A 215 -29.72 -9.09 2.45
C ASP A 215 -29.56 -10.59 2.42
N MET A 216 -28.32 -11.08 2.53
CA MET A 216 -28.09 -12.51 2.66
C MET A 216 -28.56 -13.07 3.99
N GLY A 217 -28.92 -12.21 4.95
CA GLY A 217 -29.47 -12.66 6.21
C GLY A 217 -28.53 -12.67 7.39
N TYR A 218 -27.37 -12.06 7.28
CA TYR A 218 -26.45 -12.03 8.41
C TYR A 218 -26.90 -11.02 9.46
N SER A 219 -26.59 -11.33 10.71
CA SER A 219 -26.86 -10.43 11.82
C SER A 219 -25.95 -9.20 11.74
N GLN A 220 -26.39 -8.10 12.35
CA GLN A 220 -25.51 -6.94 12.43
C GLN A 220 -24.32 -7.20 13.37
N GLU A 221 -24.53 -8.05 14.38
CA GLU A 221 -23.44 -8.51 15.23
C GLU A 221 -22.39 -9.24 14.40
N CYS A 222 -22.83 -10.07 13.47
CA CYS A 222 -21.89 -10.81 12.65
C CYS A 222 -21.14 -9.88 11.73
N ILE A 223 -21.86 -8.97 11.06
CA ILE A 223 -21.25 -7.99 10.16
C ILE A 223 -20.23 -7.11 10.91
N THR A 224 -20.57 -6.68 12.13
CA THR A 224 -19.62 -5.91 12.95
C THR A 224 -18.39 -6.75 13.31
N MET A 225 -18.60 -8.02 13.64
CA MET A 225 -17.45 -8.90 13.85
C MET A 225 -16.55 -8.90 12.63
N LEU A 226 -17.11 -9.15 11.45
CA LEU A 226 -16.32 -9.26 10.22
C LEU A 226 -15.52 -7.98 9.96
N TYR A 227 -16.17 -6.82 10.02
CA TYR A 227 -15.44 -5.61 9.65
C TYR A 227 -14.46 -5.17 10.74
N ARG A 228 -14.70 -5.52 12.01
CA ARG A 228 -13.65 -5.33 13.00
C ARG A 228 -12.55 -6.37 12.87
N VAL A 229 -12.90 -7.63 12.57
CA VAL A 229 -11.89 -8.68 12.62
C VAL A 229 -10.97 -8.66 11.40
N LEU A 230 -11.41 -8.06 10.29
CA LEU A 230 -10.54 -7.92 9.12
C LEU A 230 -9.66 -6.68 9.19
N GLY A 231 -9.87 -5.80 10.16
CA GLY A 231 -8.99 -4.68 10.39
C GLY A 231 -9.22 -3.48 9.50
N PHE A 232 -9.82 -3.65 8.32
CA PHE A 232 -10.04 -2.56 7.38
C PHE A 232 -11.54 -2.49 7.04
N ASN A 233 -12.27 -1.84 7.95
CA ASN A 233 -13.71 -1.71 7.92
C ASN A 233 -14.22 -0.88 6.75
N GLY A 234 -13.34 -0.26 5.95
CA GLY A 234 -13.82 0.51 4.80
C GLY A 234 -14.60 -0.34 3.82
N THR A 235 -14.17 -1.58 3.61
CA THR A 235 -14.86 -2.51 2.74
C THR A 235 -16.37 -2.58 3.03
N PHE A 236 -16.76 -2.38 4.29
CA PHE A 236 -18.14 -2.50 4.70
C PHE A 236 -18.87 -1.17 4.88
N LEU A 237 -18.18 -0.11 5.33
CA LEU A 237 -18.84 1.09 5.82
C LEU A 237 -18.70 2.29 4.89
N SER A 238 -17.83 2.21 3.89
CA SER A 238 -17.62 3.30 2.97
C SER A 238 -18.55 3.14 1.77
N LYS A 239 -18.41 4.00 0.77
CA LYS A 239 -19.27 3.97 -0.40
C LYS A 239 -18.72 3.07 -1.51
N MET A 240 -17.63 2.35 -1.24
CA MET A 240 -17.10 1.42 -2.24
C MET A 240 -18.11 0.30 -2.47
N ASN A 241 -18.17 -0.19 -3.71
CA ASN A 241 -19.21 -1.17 -4.02
C ASN A 241 -18.74 -2.56 -3.59
N ALA A 242 -19.67 -3.50 -3.57
CA ALA A 242 -19.37 -4.78 -2.95
C ALA A 242 -18.38 -5.58 -3.77
N GLY A 243 -18.43 -5.43 -5.10
CA GLY A 243 -17.55 -6.21 -5.96
C GLY A 243 -16.09 -5.89 -5.71
N VAL A 244 -15.75 -4.60 -5.73
CA VAL A 244 -14.35 -4.23 -5.51
C VAL A 244 -13.93 -4.52 -4.09
N ALA A 245 -14.86 -4.42 -3.13
CA ALA A 245 -14.50 -4.81 -1.76
C ALA A 245 -14.06 -6.27 -1.69
N TYR A 246 -14.73 -7.17 -2.42
CA TYR A 246 -14.30 -8.55 -2.38
C TYR A 246 -12.91 -8.72 -2.95
N GLN A 247 -12.60 -8.01 -4.05
CA GLN A 247 -11.25 -8.02 -4.59
C GLN A 247 -10.22 -7.75 -3.49
N LEU A 248 -10.52 -6.83 -2.59
CA LEU A 248 -9.56 -6.53 -1.55
C LEU A 248 -9.54 -7.61 -0.46
N LEU A 249 -10.72 -8.13 -0.09
CA LEU A 249 -10.85 -9.10 1.01
C LEU A 249 -10.24 -10.44 0.66
N GLU A 250 -10.32 -10.83 -0.61
CA GLU A 250 -9.70 -12.04 -1.11
C GLU A 250 -8.32 -11.75 -1.71
N ASP A 251 -7.63 -10.73 -1.20
CA ASP A 251 -6.23 -10.51 -1.53
C ASP A 251 -5.29 -11.10 -0.48
N PHE A 252 -5.81 -11.55 0.66
CA PHE A 252 -5.01 -12.08 1.77
C PHE A 252 -5.50 -13.46 2.21
N PRO A 253 -5.44 -14.47 1.35
CA PRO A 253 -5.75 -15.84 1.80
C PRO A 253 -4.85 -16.26 2.97
N ALA A 254 -5.21 -17.38 3.58
CA ALA A 254 -4.43 -17.87 4.71
C ALA A 254 -3.00 -18.18 4.31
N ASP A 255 -2.80 -18.65 3.08
CA ASP A 255 -1.52 -19.17 2.62
C ASP A 255 -0.70 -18.14 1.85
N VAL A 256 -0.89 -16.85 2.12
CA VAL A 256 -0.20 -15.82 1.34
C VAL A 256 1.29 -15.86 1.65
N GLU A 257 2.11 -15.83 0.59
CA GLU A 257 3.54 -15.58 0.70
C GLU A 257 3.85 -14.21 0.11
N PHE A 258 3.58 -13.16 0.89
CA PHE A 258 3.97 -11.82 0.47
C PHE A 258 5.48 -11.69 0.48
N ARG A 259 5.98 -10.76 -0.29
CA ARG A 259 7.38 -10.42 -0.25
C ARG A 259 7.51 -8.91 -0.22
N THR A 260 8.74 -8.43 0.02
CA THR A 260 9.05 -7.01 0.04
C THR A 260 10.53 -6.84 -0.31
N PHE A 261 10.99 -5.60 -0.30
CA PHE A 261 12.39 -5.29 -0.53
C PHE A 261 13.11 -5.08 0.79
N LYS A 262 14.36 -5.55 0.88
CA LYS A 262 15.14 -5.43 2.10
C LYS A 262 15.16 -3.99 2.60
N ASP A 263 15.46 -3.05 1.71
CA ASP A 263 15.56 -1.63 2.08
C ASP A 263 14.23 -0.87 1.92
N GLY A 264 13.12 -1.58 1.69
CA GLY A 264 11.83 -0.94 1.63
C GLY A 264 11.36 -0.71 0.20
N PHE A 265 10.04 -0.53 0.06
CA PHE A 265 9.44 -0.38 -1.25
C PHE A 265 9.99 0.80 -2.02
N SER A 266 10.57 1.79 -1.32
CA SER A 266 11.17 2.96 -1.97
C SER A 266 12.30 2.56 -2.91
N THR A 267 12.90 1.39 -2.69
CA THR A 267 13.93 0.83 -3.55
C THR A 267 13.49 0.98 -5.00
N LEU A 268 12.20 0.75 -5.25
CA LEU A 268 11.73 0.76 -6.63
C LEU A 268 11.63 2.17 -7.21
N PRO A 269 10.98 3.15 -6.56
CA PRO A 269 11.05 4.51 -7.12
C PRO A 269 12.46 5.05 -7.19
N ASN A 270 13.29 4.88 -6.14
CA ASN A 270 14.68 5.36 -6.24
C ASN A 270 15.39 4.75 -7.43
N ALA A 271 15.17 3.45 -7.66
CA ALA A 271 15.79 2.77 -8.80
C ALA A 271 15.31 3.35 -10.12
N LEU A 272 14.02 3.71 -10.21
CA LEU A 272 13.55 4.40 -11.41
C LEU A 272 14.21 5.77 -11.54
N VAL A 273 14.40 6.49 -10.42
CA VAL A 273 14.95 7.84 -10.49
C VAL A 273 16.38 7.82 -11.02
N ASP A 274 17.19 6.84 -10.60
CA ASP A 274 18.53 6.68 -11.16
C ASP A 274 18.50 6.58 -12.68
N LYS A 275 17.50 5.88 -13.24
CA LYS A 275 17.39 5.64 -14.68
C LYS A 275 16.74 6.79 -15.42
N ILE A 276 15.87 7.56 -14.76
CA ILE A 276 15.30 8.75 -15.37
C ILE A 276 16.32 9.87 -15.41
N GLY A 277 16.98 10.11 -14.29
CA GLY A 277 17.90 11.23 -14.16
C GLY A 277 17.28 12.34 -13.35
N LYS A 278 17.94 12.74 -12.26
CA LYS A 278 17.43 13.82 -11.41
C LYS A 278 17.16 15.10 -12.20
N ASP A 279 17.80 15.27 -13.37
CA ASP A 279 17.71 16.51 -14.11
C ASP A 279 16.37 16.70 -14.82
N LYS A 280 15.64 15.62 -15.11
CA LYS A 280 14.33 15.79 -15.72
C LYS A 280 13.19 15.78 -14.70
N ILE A 281 13.50 15.67 -13.40
CA ILE A 281 12.49 15.68 -12.35
C ILE A 281 12.59 16.97 -11.56
N HIS A 282 11.46 17.68 -11.47
CA HIS A 282 11.36 19.03 -10.92
C HIS A 282 10.54 19.00 -9.64
N LEU A 283 11.21 18.89 -8.50
CA LEU A 283 10.54 18.79 -7.22
C LEU A 283 10.10 20.17 -6.71
N GLN A 284 9.25 20.16 -5.68
CA GLN A 284 8.63 21.37 -5.13
C GLN A 284 8.05 22.25 -6.24
N THR A 285 7.46 21.60 -7.25
CA THR A 285 6.93 22.26 -8.44
C THR A 285 5.51 21.77 -8.68
N SER A 286 4.54 22.50 -8.14
CA SER A 286 3.14 22.17 -8.29
C SER A 286 2.60 22.69 -9.62
N ILE A 287 1.91 21.83 -10.36
CA ILE A 287 1.22 22.24 -11.58
C ILE A 287 -0.14 22.79 -11.18
N ASP A 288 -0.31 24.12 -11.24
CA ASP A 288 -1.53 24.74 -10.71
C ASP A 288 -2.71 24.63 -11.66
N SER A 289 -2.46 24.75 -12.97
CA SER A 289 -3.54 24.76 -13.95
C SER A 289 -2.96 24.50 -15.33
N ILE A 290 -3.86 24.21 -16.28
CA ILE A 290 -3.47 23.81 -17.63
C ILE A 290 -4.43 24.42 -18.64
N ALA A 291 -3.86 25.08 -19.66
CA ALA A 291 -4.63 25.65 -20.75
C ALA A 291 -4.09 25.13 -22.08
N PHE A 292 -4.91 25.29 -23.12
CA PHE A 292 -4.57 24.90 -24.47
C PHE A 292 -4.28 26.13 -25.35
N ASP A 293 -3.21 26.03 -26.13
CA ASP A 293 -2.78 27.07 -27.06
C ASP A 293 -3.25 26.65 -28.46
N LYS A 294 -4.38 27.19 -28.91
CA LYS A 294 -4.94 26.78 -30.19
C LYS A 294 -3.99 27.07 -31.34
N ALA A 295 -3.16 28.11 -31.20
CA ALA A 295 -2.23 28.51 -32.27
C ALA A 295 -1.24 27.40 -32.61
N ASP A 296 -0.31 27.11 -31.70
CA ASP A 296 0.71 26.11 -31.95
C ASP A 296 0.33 24.73 -31.39
N SER A 297 -0.97 24.49 -31.17
CA SER A 297 -1.51 23.20 -30.72
C SER A 297 -0.72 22.62 -29.54
N LYS A 298 -0.54 23.43 -28.49
CA LYS A 298 0.23 23.05 -27.31
C LYS A 298 -0.59 23.30 -26.04
N TYR A 299 -0.28 22.52 -25.00
CA TYR A 299 -0.82 22.76 -23.68
C TYR A 299 0.07 23.78 -22.98
N VAL A 300 -0.53 24.53 -22.05
CA VAL A 300 0.17 25.59 -21.33
C VAL A 300 -0.06 25.41 -19.84
N LEU A 301 1.00 25.06 -19.11
CA LEU A 301 0.93 24.59 -17.73
C LEU A 301 1.42 25.68 -16.78
N LYS A 302 0.49 26.30 -16.06
CA LYS A 302 0.86 27.21 -14.98
C LYS A 302 1.36 26.41 -13.78
N TYR A 303 2.43 26.88 -13.16
CA TYR A 303 3.03 26.16 -12.06
C TYR A 303 3.41 27.13 -10.94
N THR A 304 3.94 26.56 -9.86
CA THR A 304 4.47 27.30 -8.72
C THR A 304 5.64 26.50 -8.17
N LYS A 305 6.81 27.13 -8.06
CA LYS A 305 8.03 26.46 -7.63
C LYS A 305 8.62 27.16 -6.43
N ILE A 306 9.20 26.38 -5.53
CA ILE A 306 9.93 26.87 -4.36
C ILE A 306 11.38 26.43 -4.49
N ASP A 307 12.30 27.38 -4.54
CA ASP A 307 13.72 27.04 -4.67
C ASP A 307 14.27 26.51 -3.34
N GLN A 308 15.60 26.46 -3.21
CA GLN A 308 16.26 25.99 -2.00
C GLN A 308 16.34 27.06 -0.91
N SER A 309 15.76 28.24 -1.14
CA SER A 309 15.68 29.28 -0.12
C SER A 309 14.31 29.41 0.50
N GLY A 310 13.27 28.95 -0.19
CA GLY A 310 11.91 29.28 0.14
C GLY A 310 11.33 30.37 -0.73
N GLN A 311 12.08 30.84 -1.73
CA GLN A 311 11.61 31.89 -2.61
C GLN A 311 10.73 31.28 -3.71
N VAL A 312 9.44 31.56 -3.62
CA VAL A 312 8.44 31.05 -4.56
C VAL A 312 8.71 31.63 -5.95
N SER A 313 7.98 31.14 -6.96
CA SER A 313 8.08 31.60 -8.33
C SER A 313 6.95 31.00 -9.17
N GLU A 314 6.10 31.85 -9.75
CA GLU A 314 5.06 31.39 -10.65
C GLU A 314 5.57 31.46 -12.08
N GLY A 315 5.33 30.41 -12.86
CA GLY A 315 5.78 30.39 -14.23
C GLY A 315 4.82 29.60 -15.09
N LYS A 316 5.21 29.40 -16.35
CA LYS A 316 4.42 28.68 -17.35
C LYS A 316 5.35 28.09 -18.38
N PHE A 317 4.91 26.97 -18.96
CA PHE A 317 5.62 26.35 -20.06
C PHE A 317 4.63 25.55 -20.89
N LYS A 318 5.10 24.98 -21.99
CA LYS A 318 4.27 24.26 -22.95
C LYS A 318 4.70 22.80 -23.01
N ALA A 319 3.82 21.98 -23.59
CA ALA A 319 4.15 20.58 -23.84
C ALA A 319 3.23 20.06 -24.94
N GLU A 320 3.76 19.19 -25.80
CA GLU A 320 2.92 18.62 -26.85
C GLU A 320 1.93 17.62 -26.28
N LYS A 321 2.38 16.76 -25.37
CA LYS A 321 1.54 15.80 -24.67
C LYS A 321 1.67 16.00 -23.17
N VAL A 322 0.55 15.83 -22.45
CA VAL A 322 0.55 15.90 -21.00
C VAL A 322 0.14 14.54 -20.43
N ILE A 323 0.87 14.09 -19.40
CA ILE A 323 0.52 12.87 -18.66
C ILE A 323 0.28 13.24 -17.21
N LEU A 324 -0.98 13.12 -16.76
CA LEU A 324 -1.37 13.34 -15.37
C LEU A 324 -1.32 11.99 -14.64
N GLY A 325 -0.23 11.73 -13.92
CA GLY A 325 -0.19 10.58 -13.03
C GLY A 325 -0.66 10.94 -11.63
N LEU A 326 -1.95 11.26 -11.50
CA LEU A 326 -2.43 11.88 -10.27
C LEU A 326 -3.70 11.19 -9.79
N PRO A 327 -3.86 11.03 -8.47
CA PRO A 327 -5.10 10.45 -7.93
C PRO A 327 -6.30 11.38 -8.08
N ARG A 328 -7.47 10.91 -7.63
CA ARG A 328 -8.73 11.63 -7.82
C ARG A 328 -8.68 13.08 -7.34
N LEU A 329 -8.23 13.32 -6.11
CA LEU A 329 -8.36 14.66 -5.54
C LEU A 329 -7.45 15.65 -6.25
N ALA A 330 -6.23 15.24 -6.58
CA ALA A 330 -5.37 16.07 -7.41
C ALA A 330 -6.03 16.35 -8.75
N LEU A 331 -6.66 15.33 -9.35
CA LEU A 331 -7.27 15.49 -10.67
C LEU A 331 -8.45 16.44 -10.65
N GLU A 332 -9.18 16.51 -9.53
CA GLU A 332 -10.28 17.45 -9.47
C GLU A 332 -9.81 18.89 -9.30
N LYS A 333 -8.70 19.09 -8.57
CA LYS A 333 -8.18 20.43 -8.37
C LYS A 333 -7.74 21.06 -9.69
N LEU A 334 -6.93 20.33 -10.46
CA LEU A 334 -6.55 20.79 -11.78
C LEU A 334 -7.78 21.05 -12.66
N PHE A 335 -8.68 20.07 -12.77
CA PHE A 335 -9.91 20.24 -13.55
C PHE A 335 -10.64 21.53 -13.20
N ILE A 336 -10.71 21.84 -11.90
CA ILE A 336 -11.45 23.03 -11.47
C ILE A 336 -10.79 24.29 -11.99
N ALA A 337 -9.45 24.35 -11.92
CA ALA A 337 -8.69 25.58 -12.15
C ALA A 337 -8.12 25.69 -13.57
N SER A 338 -8.45 24.77 -14.48
CA SER A 338 -7.76 24.67 -15.77
C SER A 338 -8.69 25.06 -16.92
N ASP A 339 -8.25 26.06 -17.71
CA ASP A 339 -9.05 26.54 -18.84
C ASP A 339 -9.25 25.46 -19.89
N ALA A 340 -8.25 24.58 -20.07
CA ALA A 340 -8.43 23.47 -20.99
C ALA A 340 -9.66 22.65 -20.65
N PHE A 341 -10.03 22.59 -19.36
CA PHE A 341 -11.26 21.91 -18.96
C PHE A 341 -12.48 22.82 -18.93
N LYS A 342 -12.32 24.06 -18.47
CA LYS A 342 -13.47 24.95 -18.30
C LYS A 342 -14.05 25.35 -19.66
N GLN A 343 -13.20 25.53 -20.66
CA GLN A 343 -13.66 25.83 -22.00
C GLN A 343 -14.20 24.60 -22.74
N LEU A 344 -14.50 23.56 -22.04
CA LEU A 344 -15.17 22.45 -22.69
C LEU A 344 -16.68 22.67 -22.67
N PRO A 345 -17.41 22.10 -23.63
CA PRO A 345 -18.87 22.24 -23.62
C PRO A 345 -19.49 21.77 -22.31
N LYS A 346 -20.66 22.33 -21.99
CA LYS A 346 -21.35 22.05 -20.73
C LYS A 346 -21.51 20.55 -20.52
N LYS A 347 -21.93 19.83 -21.55
CA LYS A 347 -22.26 18.42 -21.40
C LYS A 347 -21.02 17.62 -21.01
N ARG A 348 -19.95 17.73 -21.79
CA ARG A 348 -18.81 16.84 -21.56
C ARG A 348 -18.00 17.25 -20.34
N ARG A 349 -17.96 18.53 -20.02
CA ARG A 349 -17.26 18.97 -18.81
C ARG A 349 -17.96 18.44 -17.56
N ASP A 350 -19.29 18.49 -17.56
CA ASP A 350 -20.05 17.89 -16.47
C ASP A 350 -19.92 16.37 -16.48
N GLU A 351 -19.89 15.76 -17.67
CA GLU A 351 -19.74 14.31 -17.73
C GLU A 351 -18.37 13.88 -17.21
N LEU A 352 -17.33 14.65 -17.53
CA LEU A 352 -15.99 14.32 -17.07
C LEU A 352 -15.87 14.47 -15.56
N TRP A 353 -16.45 15.53 -15.00
CA TRP A 353 -16.45 15.68 -13.55
C TRP A 353 -17.17 14.52 -12.87
N ASP A 354 -18.36 14.19 -13.35
CA ASP A 354 -19.08 13.04 -12.81
C ASP A 354 -18.27 11.76 -12.89
N THR A 355 -17.45 11.63 -13.93
CA THR A 355 -16.61 10.45 -14.08
C THR A 355 -15.50 10.41 -13.02
N LEU A 356 -14.93 11.56 -12.68
CA LEU A 356 -14.00 11.62 -11.56
C LEU A 356 -14.63 11.17 -10.25
N GLN A 357 -15.96 11.28 -10.13
CA GLN A 357 -16.61 10.94 -8.86
C GLN A 357 -16.78 9.44 -8.70
N SER A 358 -16.40 8.64 -9.71
CA SER A 358 -16.80 7.25 -9.73
C SER A 358 -15.88 6.33 -8.94
N THR A 359 -14.74 6.82 -8.43
CA THR A 359 -13.91 6.06 -7.52
C THR A 359 -13.93 6.73 -6.15
N SER A 360 -14.06 5.92 -5.10
CA SER A 360 -14.20 6.45 -3.74
C SER A 360 -12.83 6.70 -3.12
N ASN A 361 -12.73 7.81 -2.39
CA ASN A 361 -11.52 8.11 -1.64
C ASN A 361 -11.49 7.27 -0.37
N GLN A 362 -10.41 6.54 -0.16
CA GLN A 362 -10.24 5.67 1.01
C GLN A 362 -9.14 6.22 1.90
N PRO A 363 -9.46 6.83 3.04
CA PRO A 363 -8.38 7.29 3.92
C PRO A 363 -7.62 6.11 4.48
N LEU A 364 -6.32 6.31 4.73
CA LEU A 364 -5.46 5.34 5.39
C LEU A 364 -4.46 6.09 6.25
N LEU A 365 -3.91 5.41 7.25
CA LEU A 365 -2.83 6.00 8.05
C LEU A 365 -1.85 4.92 8.46
N LYS A 366 -0.63 5.37 8.74
CA LYS A 366 0.38 4.51 9.35
C LYS A 366 1.15 5.36 10.33
N ILE A 367 1.17 4.94 11.59
CA ILE A 367 1.98 5.54 12.63
C ILE A 367 3.00 4.51 13.07
N ASN A 368 4.27 4.86 12.98
CA ASN A 368 5.36 3.94 13.29
C ASN A 368 5.96 4.37 14.63
N LEU A 369 6.11 3.43 15.55
CA LEU A 369 6.82 3.71 16.80
C LEU A 369 8.01 2.77 16.88
N TYR A 370 9.21 3.37 16.91
CA TYR A 370 10.46 2.63 16.98
C TYR A 370 10.89 2.45 18.44
N TYR A 371 11.52 1.31 18.72
CA TYR A 371 12.02 1.01 20.05
C TYR A 371 13.44 0.48 19.96
N ASP A 372 14.22 0.79 21.00
CA ASP A 372 15.61 0.31 21.06
C ASP A 372 15.69 -1.22 21.06
N THR A 373 14.69 -1.89 21.63
CA THR A 373 14.54 -3.34 21.59
C THR A 373 13.05 -3.62 21.49
N ALA A 374 12.69 -4.83 21.13
CA ALA A 374 11.28 -5.16 21.02
C ALA A 374 10.80 -5.78 22.31
N TRP A 375 9.58 -5.43 22.71
CA TRP A 375 9.06 -5.79 24.02
C TRP A 375 7.92 -6.80 23.94
N TRP A 376 7.61 -7.32 22.76
CA TRP A 376 6.49 -8.22 22.58
C TRP A 376 6.93 -9.68 22.46
N GLY A 377 8.22 -9.99 22.67
CA GLY A 377 8.66 -11.36 22.75
C GLY A 377 8.48 -11.96 24.15
N THR A 378 8.54 -13.29 24.23
CA THR A 378 8.20 -13.97 25.47
C THR A 378 9.09 -13.52 26.62
N GLY A 379 10.33 -13.14 26.35
CA GLY A 379 11.19 -12.62 27.40
C GLY A 379 10.62 -11.40 28.09
N MET A 380 9.88 -10.57 27.36
CA MET A 380 9.31 -9.36 27.94
C MET A 380 7.85 -9.51 28.35
N THR A 381 7.08 -10.37 27.70
CA THR A 381 5.68 -10.56 28.01
C THR A 381 5.40 -11.74 28.93
N GLY A 382 6.23 -12.78 28.91
CA GLY A 382 5.84 -14.02 29.57
C GLY A 382 4.76 -14.82 28.85
N ARG A 383 4.31 -14.38 27.68
CA ARG A 383 3.29 -15.02 26.88
C ARG A 383 3.91 -15.49 25.57
N PRO A 384 3.22 -16.33 24.80
CA PRO A 384 3.81 -16.79 23.54
C PRO A 384 4.17 -15.61 22.65
N ALA A 385 5.38 -15.66 22.08
CA ALA A 385 6.00 -14.53 21.41
C ALA A 385 5.27 -14.16 20.12
N VAL A 386 5.19 -12.87 19.84
CA VAL A 386 4.59 -12.36 18.62
C VAL A 386 5.72 -12.05 17.65
N SER A 387 5.56 -12.44 16.39
CA SER A 387 6.63 -12.22 15.44
C SER A 387 6.20 -11.34 14.28
N PHE A 388 5.24 -11.79 13.46
CA PHE A 388 5.02 -11.19 12.16
C PHE A 388 3.54 -11.23 11.81
N GLY A 389 3.10 -10.18 11.14
CA GLY A 389 1.75 -10.12 10.64
C GLY A 389 0.87 -9.14 11.38
N PRO A 390 -0.36 -9.00 10.93
CA PRO A 390 -1.30 -8.07 11.58
C PRO A 390 -1.76 -8.61 12.93
N ASN A 391 -1.70 -7.75 13.93
CA ASN A 391 -2.42 -7.94 15.19
C ASN A 391 -3.65 -7.05 15.11
N PHE A 392 -4.80 -7.67 14.88
CA PHE A 392 -6.02 -6.92 14.63
C PHE A 392 -6.71 -6.55 15.94
N ALA A 393 -7.56 -5.52 15.89
CA ALA A 393 -8.31 -5.14 17.07
C ALA A 393 -9.51 -4.27 16.68
N ASP A 394 -10.57 -4.33 17.49
CA ASP A 394 -11.66 -3.36 17.33
C ASP A 394 -11.35 -2.03 18.01
N LEU A 395 -10.12 -1.81 18.49
CA LEU A 395 -9.67 -0.51 18.96
C LEU A 395 -9.31 0.38 17.77
N PRO A 396 -9.15 1.70 17.98
CA PRO A 396 -8.78 2.59 16.87
C PRO A 396 -7.49 2.19 16.18
N THR A 397 -6.65 1.42 16.88
CA THR A 397 -5.48 0.75 16.29
C THR A 397 -5.76 0.13 14.93
N GLY A 398 -6.85 -0.62 14.80
CA GLY A 398 -7.10 -1.33 13.56
C GLY A 398 -6.23 -2.56 13.44
N SER A 399 -5.02 -2.39 12.90
CA SER A 399 -4.05 -3.48 12.80
C SER A 399 -2.69 -2.96 13.27
N VAL A 400 -1.87 -3.85 13.81
CA VAL A 400 -0.51 -3.48 14.21
C VAL A 400 0.46 -4.50 13.63
N TYR A 401 1.47 -3.99 12.91
CA TYR A 401 2.47 -4.83 12.25
C TYR A 401 3.83 -4.61 12.88
N PRO A 402 4.54 -5.67 13.27
CA PRO A 402 5.91 -5.51 13.78
C PRO A 402 6.95 -5.48 12.65
N PHE A 403 8.01 -4.70 12.89
CA PHE A 403 9.14 -4.55 11.97
C PHE A 403 10.42 -4.67 12.77
N TYR A 404 11.38 -5.46 12.26
CA TYR A 404 12.63 -5.69 12.97
C TYR A 404 13.81 -5.09 12.22
N ALA A 405 14.87 -4.84 12.99
CA ALA A 405 16.15 -4.41 12.42
C ALA A 405 16.60 -5.35 11.31
N LEU A 406 17.15 -4.77 10.24
CA LEU A 406 17.59 -5.58 9.11
C LEU A 406 18.72 -6.51 9.53
N ASN A 407 18.62 -7.76 9.10
CA ASN A 407 19.54 -8.81 9.55
C ASN A 407 19.51 -9.95 8.53
N ASP A 408 20.67 -10.22 7.91
CA ASP A 408 20.68 -11.22 6.85
C ASP A 408 20.31 -12.61 7.37
N GLU A 409 20.78 -12.96 8.56
CA GLU A 409 20.45 -14.28 9.10
C GLU A 409 18.94 -14.41 9.31
N LEU A 410 18.29 -13.35 9.81
CA LEU A 410 16.86 -13.43 10.05
C LEU A 410 16.10 -13.60 8.74
N ALA A 411 16.53 -12.92 7.68
CA ALA A 411 15.81 -13.06 6.41
C ALA A 411 15.95 -14.46 5.83
N ALA A 412 17.09 -15.11 6.04
CA ALA A 412 17.23 -16.48 5.58
C ALA A 412 16.36 -17.43 6.39
N ALA A 413 16.29 -17.22 7.71
CA ALA A 413 15.36 -17.99 8.53
C ALA A 413 13.92 -17.83 8.04
N LEU A 414 13.53 -16.60 7.69
CA LEU A 414 12.20 -16.39 7.10
C LEU A 414 12.09 -17.10 5.77
N MET A 415 13.19 -17.14 5.02
CA MET A 415 13.13 -17.77 3.70
C MET A 415 12.96 -19.26 3.84
N TYR A 416 13.70 -19.87 4.78
CA TYR A 416 13.43 -21.25 5.12
C TYR A 416 11.97 -21.46 5.45
N ASP A 417 11.38 -20.51 6.20
CA ASP A 417 10.03 -20.72 6.72
C ASP A 417 8.98 -20.74 5.62
N GLU A 418 9.17 -19.97 4.54
CA GLU A 418 8.13 -20.03 3.51
C GLU A 418 8.23 -21.30 2.68
N ARG A 419 9.29 -22.09 2.85
CA ARG A 419 9.21 -23.50 2.49
C ARG A 419 8.56 -24.22 3.67
N HIS A 420 7.60 -25.08 3.39
CA HIS A 420 6.97 -25.79 4.50
C HIS A 420 7.74 -27.06 4.83
N ALA A 421 9.05 -26.87 4.92
CA ALA A 421 9.99 -27.96 5.21
C ALA A 421 9.89 -28.36 6.67
N THR A 422 10.21 -29.63 6.92
CA THR A 422 10.16 -30.13 8.30
C THR A 422 11.58 -30.17 8.84
N PRO A 423 12.03 -29.17 9.59
CA PRO A 423 13.42 -29.15 10.04
C PRO A 423 13.70 -30.25 11.06
N ASN A 424 14.97 -30.68 11.09
CA ASN A 424 15.40 -31.60 12.13
C ASN A 424 15.77 -30.83 13.38
N PRO A 425 15.86 -31.50 14.54
CA PRO A 425 16.09 -30.76 15.79
C PRO A 425 17.24 -29.77 15.74
N ASP A 426 18.31 -30.12 15.03
CA ASP A 426 19.44 -29.19 14.88
C ASP A 426 19.00 -27.90 14.20
N THR A 427 18.18 -28.01 13.15
CA THR A 427 17.74 -26.84 12.43
C THR A 427 16.62 -26.11 13.16
N GLN A 428 15.69 -26.86 13.76
CA GLN A 428 14.69 -26.26 14.61
C GLN A 428 15.31 -25.47 15.75
N HIS A 429 16.42 -25.98 16.31
CA HIS A 429 17.06 -25.29 17.42
C HIS A 429 17.76 -24.01 16.96
N LYS A 430 18.32 -24.01 15.74
CA LYS A 430 18.94 -22.79 15.22
C LYS A 430 17.88 -21.76 14.84
N LEU A 431 16.78 -22.22 14.23
CA LEU A 431 15.66 -21.33 13.95
C LEU A 431 15.08 -20.75 15.23
N ASP A 432 15.06 -21.55 16.30
CA ASP A 432 14.67 -21.03 17.61
C ASP A 432 15.51 -19.82 17.98
N GLY A 433 16.84 -20.01 18.01
CA GLY A 433 17.71 -18.94 18.44
C GLY A 433 17.57 -17.69 17.59
N ILE A 434 17.40 -17.89 16.29
CA ILE A 434 17.19 -16.76 15.39
C ILE A 434 15.87 -16.06 15.68
N ASP A 435 14.79 -16.83 15.92
CA ASP A 435 13.49 -16.22 16.18
C ASP A 435 13.54 -15.33 17.41
N ALA A 436 14.32 -15.72 18.41
CA ALA A 436 14.36 -15.02 19.68
C ALA A 436 15.34 -13.87 19.66
N ALA A 437 16.47 -14.02 18.97
CA ALA A 437 17.51 -12.99 18.95
C ALA A 437 17.00 -11.67 18.40
N LYS A 438 15.97 -11.68 17.54
CA LYS A 438 15.55 -10.41 16.94
C LYS A 438 14.95 -9.47 17.99
N TYR A 439 14.48 -9.98 19.11
CA TYR A 439 13.87 -9.11 20.11
C TYR A 439 14.89 -8.26 20.83
N ALA A 440 16.17 -8.65 20.76
CA ALA A 440 17.25 -7.89 21.37
C ALA A 440 17.76 -6.75 20.48
N ARG A 441 17.42 -6.74 19.21
CA ARG A 441 17.79 -5.66 18.30
C ARG A 441 16.64 -4.67 18.14
N PRO A 442 16.92 -3.43 17.73
CA PRO A 442 15.83 -2.45 17.60
C PRO A 442 14.75 -2.93 16.64
N ALA A 443 13.57 -2.33 16.79
CA ALA A 443 12.41 -2.83 16.09
C ALA A 443 11.37 -1.72 16.07
N ALA A 444 10.25 -2.00 15.41
CA ALA A 444 9.21 -0.98 15.29
C ALA A 444 7.85 -1.65 15.20
N LEU A 445 6.82 -0.86 15.49
CA LEU A 445 5.42 -1.26 15.32
C LEU A 445 4.74 -0.21 14.46
N THR A 446 3.95 -0.66 13.50
CA THR A 446 3.14 0.21 12.64
C THR A 446 1.68 0.03 13.03
N ILE A 447 1.01 1.12 13.38
CA ILE A 447 -0.43 1.12 13.50
C ILE A 447 -0.98 1.49 12.13
N TYR A 448 -1.85 0.64 11.60
CA TYR A 448 -2.26 0.71 10.19
C TYR A 448 -3.77 0.52 10.15
N CYS A 449 -4.50 1.59 9.89
CA CYS A 449 -5.96 1.54 9.99
C CYS A 449 -6.56 2.35 8.84
N ASP A 450 -7.88 2.30 8.73
CA ASP A 450 -8.58 2.89 7.60
C ASP A 450 -9.88 3.52 8.10
N TYR A 451 -10.72 3.89 7.12
CA TYR A 451 -12.03 4.53 7.24
C TYR A 451 -12.39 4.96 8.67
N LEU A 452 -13.09 4.09 9.37
CA LEU A 452 -13.74 4.45 10.63
C LEU A 452 -12.74 4.93 11.67
N ASN A 453 -11.51 4.43 11.64
CA ASN A 453 -10.57 4.75 12.71
C ASN A 453 -9.77 6.02 12.48
N ILE A 454 -9.83 6.59 11.28
CA ILE A 454 -8.95 7.70 10.95
C ILE A 454 -9.16 8.87 11.92
N ASN A 455 -10.41 9.32 12.07
CA ASN A 455 -10.68 10.52 12.86
C ASN A 455 -10.17 10.42 14.30
N PHE A 456 -10.07 9.21 14.85
CA PHE A 456 -9.54 9.11 16.19
C PHE A 456 -8.12 9.65 16.25
N TRP A 457 -7.27 9.29 15.27
CA TRP A 457 -5.84 9.62 15.32
C TRP A 457 -5.59 11.03 14.81
N SER A 458 -6.29 11.42 13.74
CA SER A 458 -6.36 12.76 13.18
C SER A 458 -6.37 13.84 14.24
N ALA A 459 -7.47 13.91 14.98
CA ALA A 459 -7.62 14.93 16.02
C ALA A 459 -6.53 14.81 17.08
N LEU A 460 -6.08 13.58 17.34
CA LEU A 460 -5.05 13.35 18.35
C LEU A 460 -3.69 13.84 17.86
N GLN A 461 -3.39 13.58 16.58
CA GLN A 461 -2.08 13.93 16.04
C GLN A 461 -1.92 15.44 15.88
N ASN A 462 -3.01 16.18 15.74
CA ASN A 462 -2.92 17.61 15.49
C ASN A 462 -3.03 18.43 16.77
N LYS A 463 -3.22 17.78 17.91
CA LYS A 463 -3.37 18.44 19.20
C LYS A 463 -2.09 18.33 19.99
N GLY A 464 -1.70 19.42 20.65
CA GLY A 464 -0.63 19.38 21.63
C GLY A 464 0.76 19.21 21.05
N GLU A 465 1.72 19.17 21.96
CA GLU A 465 3.11 19.14 21.56
C GLU A 465 3.46 17.81 20.89
N LEU A 466 4.55 17.82 20.13
CA LEU A 466 4.99 16.65 19.41
C LEU A 466 5.96 15.83 20.25
N TYR A 467 6.01 14.53 19.94
CA TYR A 467 6.78 13.60 20.76
C TYR A 467 8.24 13.58 20.33
N HIS A 468 9.13 13.70 21.32
CA HIS A 468 10.55 13.45 21.14
C HIS A 468 11.09 12.81 22.41
N HIS A 469 11.62 11.61 22.26
CA HIS A 469 12.40 10.99 23.32
C HIS A 469 13.59 11.90 23.63
N PRO A 470 13.88 12.16 24.91
CA PRO A 470 15.08 12.95 25.24
C PRO A 470 16.35 12.28 24.75
N HIS A 471 17.41 13.08 24.60
CA HIS A 471 18.66 12.63 23.99
C HIS A 471 18.38 11.83 22.73
N GLU A 472 17.56 12.43 21.87
CA GLU A 472 17.15 11.77 20.64
C GLU A 472 18.31 11.69 19.65
N SER A 473 19.09 12.76 19.54
CA SER A 473 20.23 12.75 18.61
C SER A 473 21.27 11.71 19.02
N GLU A 474 21.35 11.40 20.31
CA GLU A 474 22.17 10.27 20.77
C GLU A 474 21.63 8.94 20.26
N LEU A 475 20.33 8.85 19.99
CA LEU A 475 19.72 7.61 19.54
C LEU A 475 19.64 7.50 18.03
N VAL A 476 19.51 8.61 17.30
CA VAL A 476 19.63 8.58 15.85
C VAL A 476 20.13 9.93 15.35
N GLU A 477 21.27 9.92 14.65
CA GLU A 477 21.93 11.15 14.23
C GLU A 477 21.32 11.73 12.97
N SER A 478 20.79 10.89 12.10
CA SER A 478 20.27 11.30 10.79
C SER A 478 18.80 10.89 10.71
N ILE A 479 17.91 11.78 11.15
CA ILE A 479 16.47 11.53 11.07
C ILE A 479 15.95 11.93 9.68
N PRO A 480 15.46 10.98 8.89
CA PRO A 480 15.02 11.28 7.53
C PRO A 480 14.03 12.44 7.46
N SER A 481 14.01 13.10 6.31
CA SER A 481 13.22 14.32 6.15
C SER A 481 11.73 14.02 6.01
N ASP A 482 11.36 12.84 5.50
CA ASP A 482 9.95 12.52 5.35
C ASP A 482 9.27 12.10 6.66
N ILE A 483 9.95 12.27 7.80
CA ILE A 483 9.45 11.83 9.09
C ILE A 483 8.99 13.03 9.88
N PHE A 484 7.66 13.13 10.06
CA PHE A 484 7.06 14.07 10.99
C PHE A 484 6.72 13.33 12.28
N PRO A 485 7.13 13.82 13.45
CA PRO A 485 6.92 13.04 14.69
C PRO A 485 5.45 12.83 14.98
N ALA A 486 5.15 11.72 15.65
CA ALA A 486 3.83 11.54 16.25
C ALA A 486 3.63 12.56 17.36
N SER A 487 2.39 12.99 17.54
CA SER A 487 2.12 13.92 18.63
C SER A 487 2.24 13.21 19.96
N GLU A 488 2.47 14.00 21.02
CA GLU A 488 2.55 13.38 22.34
C GLU A 488 1.26 12.64 22.68
N ALA A 489 0.12 13.20 22.26
CA ALA A 489 -1.14 12.53 22.54
C ALA A 489 -1.25 11.20 21.81
N VAL A 490 -0.66 11.12 20.61
CA VAL A 490 -0.74 9.90 19.82
C VAL A 490 0.06 8.77 20.45
N VAL A 491 1.26 9.10 20.94
CA VAL A 491 2.09 8.09 21.57
C VAL A 491 1.45 7.61 22.87
N GLN A 492 0.92 8.55 23.64
CA GLN A 492 0.29 8.23 24.92
C GLN A 492 -0.84 7.22 24.75
N GLN A 493 -1.77 7.50 23.82
CA GLN A 493 -2.89 6.59 23.63
C GLN A 493 -2.45 5.30 22.95
N ALA A 494 -1.63 5.40 21.92
CA ALA A 494 -1.10 4.20 21.26
C ALA A 494 -0.45 3.24 22.25
N THR A 495 0.20 3.78 23.28
CA THR A 495 0.86 2.94 24.29
C THR A 495 -0.14 2.21 25.17
N GLN A 496 -1.25 2.85 25.54
CA GLN A 496 -2.28 2.16 26.31
C GLN A 496 -2.88 1.00 25.51
N PHE A 497 -3.18 1.25 24.23
CA PHE A 497 -3.74 0.22 23.36
C PHE A 497 -2.79 -0.96 23.18
N PHE A 498 -1.49 -0.72 23.07
CA PHE A 498 -0.52 -1.81 22.98
C PHE A 498 -0.58 -2.71 24.22
N LYS A 499 -0.59 -2.11 25.41
CA LYS A 499 -0.75 -2.90 26.63
C LYS A 499 -2.01 -3.76 26.55
N ASP A 500 -3.11 -3.16 26.11
CA ASP A 500 -4.32 -3.93 25.84
C ASP A 500 -4.04 -5.09 24.89
N ILE A 501 -3.60 -4.77 23.66
CA ILE A 501 -3.48 -5.77 22.61
C ILE A 501 -2.50 -6.87 23.02
N PHE A 502 -1.34 -6.50 23.53
CA PHE A 502 -0.30 -7.46 23.82
C PHE A 502 -0.39 -8.02 25.23
N ASN A 503 -1.43 -7.64 25.98
CA ASN A 503 -1.73 -8.20 27.30
C ASN A 503 -0.49 -8.15 28.20
N THR A 504 0.05 -6.96 28.34
CA THR A 504 1.27 -6.77 29.13
C THR A 504 1.19 -5.42 29.82
N HIS A 505 1.74 -5.36 31.03
CA HIS A 505 1.83 -4.09 31.76
C HIS A 505 2.90 -3.19 31.17
N TYR A 506 3.78 -3.72 30.34
CA TYR A 506 5.07 -3.12 30.05
C TYR A 506 5.12 -2.76 28.57
N VAL A 507 4.87 -1.50 28.26
CA VAL A 507 5.21 -0.97 26.94
C VAL A 507 6.00 0.31 27.15
N PRO A 508 7.32 0.30 26.89
CA PRO A 508 8.15 1.49 27.13
C PRO A 508 7.91 2.62 26.15
N GLN A 509 8.66 3.70 26.30
CA GLN A 509 8.54 4.86 25.43
C GLN A 509 9.31 4.65 24.13
N PRO A 510 8.79 5.11 23.01
CA PRO A 510 9.49 4.91 21.73
C PRO A 510 10.74 5.76 21.64
N THR A 511 11.75 5.22 20.96
CA THR A 511 12.93 6.05 20.72
C THR A 511 12.64 7.11 19.68
N LEU A 512 11.80 6.76 18.69
CA LEU A 512 11.52 7.62 17.54
C LEU A 512 10.13 7.26 17.01
N THR A 513 9.42 8.26 16.48
CA THR A 513 8.09 8.02 15.91
C THR A 513 7.89 8.80 14.62
N SER A 514 6.96 8.30 13.79
CA SER A 514 6.48 8.99 12.60
C SER A 514 4.99 8.76 12.47
N ALA A 515 4.29 9.80 12.00
CA ALA A 515 2.87 9.73 11.75
C ALA A 515 2.60 10.15 10.33
N ARG A 516 1.73 9.42 9.64
CA ARG A 516 1.42 9.74 8.25
C ARG A 516 -0.04 9.41 8.01
N ILE A 517 -0.81 10.40 7.63
CA ILE A 517 -2.24 10.26 7.48
C ILE A 517 -2.57 10.59 6.03
N TRP A 518 -2.76 9.54 5.21
CA TRP A 518 -3.06 9.65 3.80
C TRP A 518 -4.54 9.94 3.60
N GLU A 519 -4.87 11.22 3.68
CA GLU A 519 -6.24 11.71 3.68
C GLU A 519 -6.17 13.08 3.03
N GLY A 520 -6.76 13.23 1.85
CA GLY A 520 -6.46 14.39 1.01
C GLY A 520 -6.97 15.70 1.60
N ASN A 521 -6.18 16.76 1.41
CA ASN A 521 -6.44 18.06 2.02
C ASN A 521 -6.85 19.11 0.99
N VAL A 522 -7.79 19.98 1.37
CA VAL A 522 -8.19 21.13 0.56
C VAL A 522 -8.00 22.45 1.32
N ASN A 523 -7.22 22.44 2.40
CA ASN A 523 -6.97 23.63 3.18
C ASN A 523 -5.62 24.24 2.77
N PHE A 524 -5.64 25.54 2.48
CA PHE A 524 -4.40 26.23 2.13
C PHE A 524 -3.50 26.53 3.32
N ASN A 525 -3.93 26.25 4.55
CA ASN A 525 -3.13 26.57 5.74
C ASN A 525 -2.31 25.38 6.24
N VAL A 526 -1.92 24.48 5.35
CA VAL A 526 -1.22 23.25 5.69
C VAL A 526 0.12 23.27 4.94
N PRO A 527 1.25 23.13 5.63
CA PRO A 527 2.54 23.07 4.93
C PRO A 527 2.58 21.98 3.89
N GLU A 528 3.47 22.13 2.91
CA GLU A 528 3.60 21.11 1.87
C GLU A 528 4.03 19.77 2.44
N ASN A 529 4.96 19.78 3.42
CA ASN A 529 5.45 18.53 4.03
C ASN A 529 4.38 17.82 4.87
N LEU A 530 3.16 18.34 4.84
CA LEU A 530 2.03 17.69 5.48
C LEU A 530 0.84 17.50 4.57
N GLN A 531 0.94 17.82 3.29
CA GLN A 531 -0.16 17.59 2.35
C GLN A 531 0.01 16.20 1.76
N PHE A 532 -0.97 15.33 1.96
CA PHE A 532 -0.89 13.98 1.40
C PHE A 532 -2.23 13.59 0.78
N GLY A 533 -2.19 12.83 -0.31
CA GLY A 533 -3.40 12.40 -0.99
C GLY A 533 -4.09 11.25 -0.26
N PHE A 534 -5.21 10.84 -0.82
CA PHE A 534 -5.97 9.74 -0.24
C PHE A 534 -5.18 8.44 -0.38
N GLY A 535 -5.14 7.65 0.70
CA GLY A 535 -4.19 6.56 0.75
C GLY A 535 -4.38 5.57 -0.37
N VAL A 536 -5.63 5.29 -0.70
CA VAL A 536 -5.97 4.33 -1.74
C VAL A 536 -7.36 4.70 -2.26
N HIS A 537 -7.84 4.00 -3.29
CA HIS A 537 -9.15 4.26 -3.85
C HIS A 537 -9.85 2.96 -4.18
N GLN A 538 -11.17 2.99 -4.22
CA GLN A 538 -11.93 1.84 -4.66
C GLN A 538 -13.24 2.28 -5.29
N TRP A 539 -13.64 1.53 -6.30
CA TRP A 539 -14.82 1.87 -7.11
C TRP A 539 -16.07 2.03 -6.26
N ALA A 540 -16.77 3.14 -6.48
CA ALA A 540 -18.02 3.42 -5.81
C ALA A 540 -19.16 2.59 -6.40
N ILE A 541 -20.33 2.69 -5.77
CA ILE A 541 -21.52 2.01 -6.24
C ILE A 541 -22.02 2.67 -7.51
N GLY A 542 -22.51 1.86 -8.45
CA GLY A 542 -22.96 2.36 -9.72
C GLY A 542 -21.87 2.58 -10.74
N ALA A 543 -20.60 2.52 -10.34
CA ALA A 543 -19.49 2.78 -11.25
C ALA A 543 -19.32 1.61 -12.22
N ASN A 544 -19.54 1.86 -13.51
CA ASN A 544 -19.10 0.95 -14.57
C ASN A 544 -17.64 1.26 -14.83
N ASP A 545 -16.75 0.55 -14.14
CA ASP A 545 -15.35 0.95 -14.23
C ASP A 545 -14.71 0.59 -15.56
N LYS A 546 -15.34 -0.28 -16.36
CA LYS A 546 -14.82 -0.50 -17.70
C LYS A 546 -15.00 0.73 -18.58
N GLU A 547 -16.16 1.38 -18.50
CA GLU A 547 -16.33 2.63 -19.25
C GLU A 547 -15.49 3.75 -18.64
N VAL A 548 -15.42 3.82 -17.31
CA VAL A 548 -14.69 4.90 -16.66
C VAL A 548 -13.21 4.81 -16.99
N ILE A 549 -12.64 3.61 -16.92
CA ILE A 549 -11.21 3.45 -17.12
C ILE A 549 -10.80 3.88 -18.53
N GLU A 550 -11.59 3.48 -19.54
CA GLU A 550 -11.23 3.82 -20.92
C GLU A 550 -11.50 5.29 -21.24
N ASP A 551 -12.44 5.93 -20.52
CA ASP A 551 -12.71 7.34 -20.74
C ASP A 551 -11.57 8.22 -20.24
N LEU A 552 -10.82 7.75 -19.25
CA LEU A 552 -9.84 8.57 -18.56
C LEU A 552 -8.42 8.34 -19.05
N VAL A 553 -8.24 7.44 -20.02
CA VAL A 553 -6.95 7.31 -20.67
C VAL A 553 -6.54 8.63 -21.30
N GLU A 554 -7.37 9.15 -22.20
CA GLU A 554 -7.06 10.38 -22.94
C GLU A 554 -8.33 11.21 -23.06
N PRO A 555 -8.69 11.92 -21.99
CA PRO A 555 -10.00 12.59 -21.94
C PRO A 555 -10.10 13.79 -22.84
N LEU A 556 -8.99 14.46 -23.11
CA LEU A 556 -8.83 15.48 -24.13
C LEU A 556 -7.67 15.03 -25.01
N PRO A 557 -7.60 15.51 -26.26
CA PRO A 557 -6.52 15.04 -27.15
C PRO A 557 -5.13 15.36 -26.61
N ASN A 558 -4.28 14.33 -26.56
CA ASN A 558 -2.90 14.41 -26.07
C ASN A 558 -2.81 14.80 -24.60
N LEU A 559 -3.91 14.64 -23.85
CA LEU A 559 -3.90 14.80 -22.40
C LEU A 559 -4.32 13.47 -21.78
N PHE A 560 -3.42 12.86 -21.01
CA PHE A 560 -3.65 11.53 -20.46
C PHE A 560 -3.72 11.57 -18.94
N THR A 561 -4.49 10.63 -18.38
CA THR A 561 -4.48 10.38 -16.95
C THR A 561 -4.21 8.91 -16.71
N CYS A 562 -3.55 8.64 -15.59
CA CYS A 562 -3.22 7.28 -15.19
C CYS A 562 -2.66 7.30 -13.78
N GLY A 563 -2.56 6.12 -13.19
CA GLY A 563 -2.32 5.95 -11.76
C GLY A 563 -3.31 4.99 -11.15
N GLU A 564 -3.18 4.84 -9.83
CA GLU A 564 -3.94 3.80 -9.14
C GLU A 564 -5.41 4.15 -8.97
N ALA A 565 -5.74 5.44 -8.78
CA ALA A 565 -7.09 5.80 -8.37
C ALA A 565 -8.17 5.20 -9.28
N TYR A 566 -8.02 5.33 -10.59
CA TYR A 566 -9.07 4.76 -11.45
C TYR A 566 -8.58 3.51 -12.16
N SER A 567 -7.89 2.65 -11.42
CA SER A 567 -7.23 1.49 -12.01
C SER A 567 -8.04 0.21 -11.82
N ASP A 568 -7.57 -0.82 -12.53
CA ASP A 568 -8.02 -2.20 -12.55
C ASP A 568 -7.73 -2.94 -11.25
N TYR A 569 -6.75 -2.47 -10.48
CA TYR A 569 -6.16 -3.19 -9.36
C TYR A 569 -5.90 -2.15 -8.28
N GLN A 570 -7.00 -1.56 -7.79
CA GLN A 570 -6.87 -0.50 -6.83
C GLN A 570 -6.24 -1.04 -5.55
N GLY A 571 -5.41 -0.20 -4.92
CA GLY A 571 -4.72 -0.57 -3.70
C GLY A 571 -3.27 -0.93 -3.84
N TRP A 572 -2.80 -1.15 -5.07
CA TRP A 572 -1.51 -1.79 -5.29
C TRP A 572 -0.77 -1.08 -6.41
N VAL A 573 0.55 -1.21 -6.39
CA VAL A 573 1.34 -0.54 -7.40
C VAL A 573 0.96 -1.06 -8.77
N GLU A 574 0.68 -2.36 -8.87
CA GLU A 574 0.25 -2.94 -10.13
C GLU A 574 -0.94 -2.21 -10.72
N GLY A 575 -1.81 -1.66 -9.86
CA GLY A 575 -2.88 -0.82 -10.37
C GLY A 575 -2.35 0.37 -11.13
N ALA A 576 -1.41 1.11 -10.51
CA ALA A 576 -0.80 2.25 -11.17
C ALA A 576 -0.09 1.87 -12.47
N LEU A 577 0.62 0.74 -12.47
CA LEU A 577 1.38 0.34 -13.66
C LEU A 577 0.47 -0.10 -14.81
N ARG A 578 -0.66 -0.74 -14.50
CA ARG A 578 -1.57 -1.15 -15.57
C ARG A 578 -2.36 0.02 -16.13
N SER A 579 -2.73 0.97 -15.26
CA SER A 579 -3.35 2.21 -15.70
C SER A 579 -2.42 3.03 -16.60
N THR A 580 -1.15 3.15 -16.21
CA THR A 580 -0.21 3.89 -17.06
C THR A 580 -0.05 3.22 -18.41
N ASP A 581 0.01 1.88 -18.42
CA ASP A 581 0.21 1.13 -19.66
C ASP A 581 -0.83 1.51 -20.71
N LEU A 582 -2.09 1.70 -20.30
CA LEU A 582 -3.11 2.13 -21.26
C LEU A 582 -2.72 3.45 -21.92
N VAL A 583 -2.13 4.37 -21.13
CA VAL A 583 -1.69 5.65 -21.67
C VAL A 583 -0.51 5.45 -22.62
N LEU A 584 0.44 4.61 -22.22
CA LEU A 584 1.59 4.32 -23.06
C LEU A 584 1.19 3.58 -24.33
N GLN A 585 0.16 2.74 -24.27
CA GLN A 585 -0.37 2.14 -25.48
C GLN A 585 -1.02 3.20 -26.38
N LYS A 586 -2.09 3.84 -25.87
CA LYS A 586 -2.93 4.67 -26.73
C LYS A 586 -2.19 5.91 -27.23
N GLY A 587 -1.24 6.43 -26.46
CA GLY A 587 -0.60 7.67 -26.83
C GLY A 587 0.77 7.48 -27.45
N PHE A 588 1.35 6.30 -27.29
CA PHE A 588 2.75 6.13 -27.67
C PHE A 588 3.06 4.78 -28.31
N GLY A 589 2.07 3.91 -28.52
CA GLY A 589 2.26 2.66 -29.22
C GLY A 589 2.84 1.50 -28.41
N LEU A 590 3.18 1.70 -27.14
CA LEU A 590 3.84 0.67 -26.32
C LEU A 590 2.87 -0.38 -25.80
N ALA A 591 3.20 -1.65 -26.02
CA ALA A 591 2.41 -2.78 -25.51
C ALA A 591 2.67 -2.94 -24.01
N PRO A 592 1.82 -3.69 -23.30
CA PRO A 592 1.98 -3.79 -21.84
C PRO A 592 3.32 -4.43 -21.48
N LEU A 593 3.96 -3.86 -20.45
CA LEU A 593 5.30 -4.28 -20.03
C LEU A 593 5.41 -5.79 -19.92
N SER A 594 4.42 -6.42 -19.29
CA SER A 594 4.46 -7.87 -19.13
C SER A 594 4.49 -8.58 -20.47
N GLU A 595 3.75 -8.04 -21.44
CA GLU A 595 3.79 -8.60 -22.78
C GLU A 595 5.12 -8.31 -23.47
N VAL A 596 5.66 -7.11 -23.28
CA VAL A 596 7.00 -6.78 -23.77
C VAL A 596 8.05 -7.69 -23.15
N TYR A 597 7.91 -7.96 -21.84
CA TYR A 597 8.85 -8.84 -21.17
C TYR A 597 8.88 -10.22 -21.82
N GLU A 598 7.69 -10.77 -22.06
CA GLU A 598 7.57 -12.16 -22.50
C GLU A 598 8.15 -12.36 -23.89
N GLN A 599 7.86 -11.45 -24.81
CA GLN A 599 8.46 -11.54 -26.13
C GLN A 599 9.98 -11.49 -26.05
N ASP A 600 10.52 -10.61 -25.21
CA ASP A 600 11.95 -10.43 -25.06
C ASP A 600 12.61 -11.63 -24.39
N GLN A 601 11.91 -12.30 -23.48
CA GLN A 601 12.54 -13.30 -22.65
C GLN A 601 12.06 -14.72 -22.90
N GLY A 602 10.89 -14.90 -23.53
CA GLY A 602 10.42 -16.23 -23.80
C GLY A 602 9.71 -16.91 -22.65
N ARG A 603 9.48 -16.20 -21.55
CA ARG A 603 8.74 -16.72 -20.40
C ARG A 603 8.12 -15.51 -19.69
N SER A 604 7.14 -15.79 -18.84
CA SER A 604 6.47 -14.68 -18.17
C SER A 604 7.38 -14.07 -17.10
N SER A 605 7.03 -12.86 -16.67
CA SER A 605 7.69 -12.30 -15.51
C SER A 605 7.36 -13.10 -14.25
N SER A 606 6.17 -13.71 -14.18
CA SER A 606 5.86 -14.62 -13.08
C SER A 606 6.90 -15.72 -12.96
N GLU A 607 7.12 -16.48 -14.03
CA GLU A 607 8.03 -17.61 -13.93
C GLU A 607 9.45 -17.13 -13.68
N ALA A 608 9.87 -16.07 -14.38
CA ALA A 608 11.21 -15.53 -14.14
C ALA A 608 11.41 -15.16 -12.68
N ILE A 609 10.45 -14.42 -12.09
CA ILE A 609 10.62 -13.93 -10.73
C ILE A 609 10.63 -15.06 -9.73
N GLN A 610 9.81 -16.09 -9.94
CA GLN A 610 9.83 -17.23 -9.03
C GLN A 610 11.17 -17.95 -9.09
N ILE A 611 11.67 -18.19 -10.30
CA ILE A 611 12.93 -18.92 -10.46
C ILE A 611 14.09 -18.13 -9.89
N ALA A 612 14.13 -16.83 -10.15
CA ALA A 612 15.23 -16.03 -9.62
C ALA A 612 15.21 -16.05 -8.10
N TYR A 613 14.02 -15.91 -7.50
CA TYR A 613 13.89 -15.83 -6.06
C TYR A 613 14.20 -17.16 -5.38
N ARG A 614 13.65 -18.27 -5.92
CA ARG A 614 14.01 -19.58 -5.39
C ARG A 614 15.51 -19.75 -5.31
N LYS A 615 16.23 -19.25 -6.31
CA LYS A 615 17.69 -19.44 -6.34
C LYS A 615 18.36 -18.70 -5.20
N ILE A 616 18.08 -17.41 -5.05
CA ILE A 616 18.71 -16.64 -3.98
C ILE A 616 18.17 -17.06 -2.62
N SER A 617 16.95 -17.60 -2.56
CA SER A 617 16.48 -18.17 -1.31
C SER A 617 17.20 -19.50 -1.02
N ASN A 618 17.26 -20.39 -2.02
CA ASN A 618 18.08 -21.61 -1.92
C ASN A 618 19.47 -21.30 -1.37
N LYS A 619 20.12 -20.29 -1.94
CA LYS A 619 21.47 -19.95 -1.50
C LYS A 619 21.46 -19.37 -0.09
N MET A 620 20.47 -18.54 0.21
CA MET A 620 20.40 -17.92 1.53
C MET A 620 20.24 -18.97 2.63
N ILE A 621 19.33 -19.91 2.41
CA ILE A 621 19.07 -20.96 3.40
C ILE A 621 20.33 -21.79 3.65
N MET A 622 20.95 -22.30 2.57
CA MET A 622 22.15 -23.12 2.72
C MET A 622 23.26 -22.36 3.41
N GLU A 623 23.35 -21.05 3.16
CA GLU A 623 24.42 -20.24 3.72
C GLU A 623 24.24 -20.00 5.22
N TYR A 624 22.98 -19.93 5.69
CA TYR A 624 22.66 -19.48 7.04
C TYR A 624 21.94 -20.51 7.89
N ILE A 625 21.06 -21.31 7.28
CA ILE A 625 20.18 -22.21 8.03
C ILE A 625 20.75 -23.62 8.01
N ASP A 626 20.40 -24.40 6.99
CA ASP A 626 20.74 -25.81 6.93
C ASP A 626 21.70 -26.08 5.78
N PRO A 627 23.02 -26.15 6.03
CA PRO A 627 23.99 -26.46 4.96
C PRO A 627 23.62 -27.63 4.04
N ASN A 628 22.82 -28.58 4.51
CA ASN A 628 22.45 -29.70 3.66
C ASN A 628 20.98 -29.63 3.23
N PHE A 629 20.55 -28.49 2.70
CA PHE A 629 19.13 -28.32 2.41
C PHE A 629 18.79 -28.79 0.99
N SER A 630 17.54 -29.21 0.82
CA SER A 630 16.90 -29.45 -0.48
C SER A 630 17.26 -28.44 -1.57
PA FAD B . 0.76 8.67 -6.13
O1A FAD B . 1.74 7.76 -5.44
O2A FAD B . -0.27 9.27 -5.17
O5B FAD B . 1.48 9.76 -6.96
C5B FAD B . 0.90 11.06 -7.17
C4B FAD B . 2.01 12.06 -7.03
O4B FAD B . 1.68 13.29 -7.71
C3B FAD B . 2.39 12.42 -5.60
O3B FAD B . 3.80 12.37 -5.45
C2B FAD B . 1.91 13.87 -5.46
O2B FAD B . 2.79 14.54 -4.56
C1B FAD B . 2.04 14.38 -6.89
N9A FAD B . 1.18 15.50 -7.25
C8A FAD B . -0.14 15.67 -6.92
N7A FAD B . -0.68 16.77 -7.41
C5A FAD B . 0.35 17.36 -8.12
C6A FAD B . 0.44 18.54 -8.88
N6A FAD B . -0.58 19.39 -9.03
N1A FAD B . 1.62 18.82 -9.46
C2A FAD B . 2.65 17.98 -9.30
N3A FAD B . 2.69 16.85 -8.60
C4A FAD B . 1.50 16.58 -8.04
N1 FAD B . 0.49 -0.88 -2.90
C2 FAD B . 1.02 -2.14 -3.01
O2 FAD B . 1.19 -2.66 -4.11
N3 FAD B . 1.37 -2.84 -1.85
C4 FAD B . 1.23 -2.38 -0.56
O4 FAD B . 1.57 -3.08 0.40
C4X FAD B . 0.67 -1.05 -0.46
N5 FAD B . 0.51 -0.54 0.71
C5X FAD B . -0.01 0.72 0.81
C6 FAD B . -0.16 1.26 2.08
C7 FAD B . -0.66 2.54 2.25
C7M FAD B . -0.82 3.10 3.64
C8 FAD B . -1.03 3.30 1.12
C8M FAD B . -1.58 4.68 1.29
C9 FAD B . -0.87 2.76 -0.15
C9A FAD B . -0.36 1.47 -0.31
N10 FAD B . -0.16 0.90 -1.58
C10 FAD B . 0.34 -0.37 -1.70
C1' FAD B . -0.57 1.60 -2.80
C2' FAD B . 0.56 2.30 -3.54
O2' FAD B . 1.25 3.16 -2.64
C3' FAD B . -0.04 3.15 -4.65
O3' FAD B . -0.97 2.40 -5.44
C4' FAD B . 0.93 3.85 -5.61
O4' FAD B . 2.23 3.98 -5.02
C5' FAD B . 0.37 5.20 -6.02
O5' FAD B . 0.95 5.59 -7.27
P FAD B . 0.28 6.69 -8.19
O1P FAD B . 1.35 7.20 -9.15
O2P FAD B . -0.98 6.13 -8.77
O3P FAD B . -0.07 7.87 -7.21
N TRP C . -2.01 -3.22 -0.50
CA TRP C . -2.59 -2.62 0.71
C TRP C . -1.76 -2.85 1.98
O TRP C . -0.65 -3.36 1.96
CB TRP C . -4.01 -3.15 0.94
CG TRP C . -5.09 -2.23 0.49
CD1 TRP C . -5.34 -1.83 -0.79
CD2 TRP C . -6.09 -1.62 1.30
NE1 TRP C . -6.43 -1.00 -0.82
CE2 TRP C . -6.91 -0.85 0.45
CE3 TRP C . -6.39 -1.65 2.68
CZ2 TRP C . -8.01 -0.12 0.92
CZ3 TRP C . -7.47 -0.92 3.14
CH2 TRP C . -8.26 -0.15 2.25
OXT TRP C . -2.22 -2.53 3.08
#